data_3HD7
#
_entry.id   3HD7
#
_cell.length_a   265.412
_cell.length_b   135.490
_cell.length_c   58.689
_cell.angle_alpha   90.00
_cell.angle_beta   96.34
_cell.angle_gamma   90.00
#
_symmetry.space_group_name_H-M   'C 1 2 1'
#
loop_
_entity.id
_entity.type
_entity.pdbx_description
1 polymer 'Vesicle-associated membrane protein 2'
2 polymer Syntaxin-1A
3 polymer 'Synaptosomal-associated protein 25'
4 polymer 'Synaptosomal-associated protein 25'
5 non-polymer glycylglycylglycine
6 non-polymer 'SULFATE ION'
#
loop_
_entity_poly.entity_id
_entity_poly.type
_entity_poly.pdbx_seq_one_letter_code
_entity_poly.pdbx_strand_id
1 'polypeptide(L)'
;GSHMRRLQQTQAQVDEVVDIMRVNVDKVLERDQKLSELDDRADALQAGASQFETSAAKLKRKYWWKNLKMMIILGVICAI
ILIIIIVYFST
;
A,E
2 'polypeptide(L)'
;GSHMDSSISKQALSEIETRHSEIIKLENSIRELHDMFMDMAMLVESQGEMIDRIEYNVEHAVDYVERAVSDTKKAVKYQS
KARRKKIMIIICCVILGIIIASTIGGIFG
;
B,F
3 'polypeptide(L)' GSHMRNELEEMQRRADQLADESLESTRRMLQLVEESKDAGIRTLVMLDEQGEQLDRVEEGMNHINQDMKEAEKNLKDLGK C,G
4 'polypeptide(L)' GSHMARENEMDENLEQVSGIIGNLRHMALDMGNEIDTQNRQIDRIMEKADSNKTRIDEANQRATKMLG D,H
#
loop_
_chem_comp.id
_chem_comp.type
_chem_comp.name
_chem_comp.formula
GGG non-polymer glycylglycylglycine 'C6 H11 N3 O4'
SO4 non-polymer 'SULFATE ION' 'O4 S -2'
#
# COMPACT_ATOMS: atom_id res chain seq x y z
N GLY A 1 90.86 62.44 18.99
CA GLY A 1 91.70 61.59 18.15
C GLY A 1 91.07 60.26 17.78
N SER A 2 90.46 59.62 18.77
CA SER A 2 89.63 58.45 18.52
C SER A 2 88.30 58.96 18.03
N HIS A 3 88.07 60.26 18.26
CA HIS A 3 86.87 60.93 17.79
C HIS A 3 86.92 61.17 16.29
N MET A 4 87.60 60.30 15.58
CA MET A 4 87.67 60.40 14.13
C MET A 4 87.63 59.00 13.53
N ARG A 5 88.17 58.04 14.28
CA ARG A 5 88.04 56.63 13.95
C ARG A 5 86.60 56.20 14.21
N ARG A 6 86.00 56.75 15.26
CA ARG A 6 84.61 56.48 15.57
C ARG A 6 83.71 56.87 14.41
N LEU A 7 84.01 58.02 13.80
CA LEU A 7 83.26 58.44 12.62
C LEU A 7 83.62 57.58 11.41
N GLN A 8 84.89 57.21 11.25
CA GLN A 8 85.30 56.36 10.14
C GLN A 8 84.81 54.94 10.32
N GLN A 9 84.43 54.59 11.54
CA GLN A 9 83.85 53.29 11.81
C GLN A 9 82.33 53.32 11.62
N THR A 10 81.66 54.17 12.38
CA THR A 10 80.22 54.29 12.31
C THR A 10 79.74 54.58 10.89
N GLN A 11 80.49 55.41 10.15
CA GLN A 11 80.14 55.71 8.77
C GLN A 11 80.37 54.51 7.88
N ALA A 12 81.37 53.70 8.24
CA ALA A 12 81.63 52.47 7.51
C ALA A 12 80.43 51.53 7.67
N GLN A 13 79.99 51.33 8.91
CA GLN A 13 78.81 50.53 9.16
C GLN A 13 77.63 50.97 8.31
N VAL A 14 77.25 52.24 8.44
CA VAL A 14 76.10 52.77 7.74
C VAL A 14 76.11 52.49 6.24
N ASP A 15 77.18 52.91 5.57
CA ASP A 15 77.31 52.64 4.14
C ASP A 15 76.95 51.19 3.83
N GLU A 16 77.42 50.29 4.68
CA GLU A 16 77.22 48.85 4.49
C GLU A 16 75.76 48.46 4.59
N VAL A 17 75.07 48.99 5.61
CA VAL A 17 73.67 48.70 5.81
C VAL A 17 72.83 49.28 4.69
N VAL A 18 73.27 50.42 4.15
CA VAL A 18 72.57 51.03 3.02
C VAL A 18 72.81 50.23 1.74
N ASP A 19 74.03 49.71 1.58
CA ASP A 19 74.36 48.86 0.43
C ASP A 19 73.50 47.61 0.47
N ILE A 20 73.21 47.15 1.68
CA ILE A 20 72.34 46.00 1.91
C ILE A 20 70.90 46.30 1.53
N MET A 21 70.37 47.41 2.04
CA MET A 21 68.97 47.76 1.80
C MET A 21 68.65 48.05 0.33
N ARG A 22 69.64 48.51 -0.44
CA ARG A 22 69.43 48.69 -1.87
C ARG A 22 69.04 47.34 -2.47
N VAL A 23 69.79 46.31 -2.10
CA VAL A 23 69.52 44.95 -2.52
C VAL A 23 68.17 44.47 -2.00
N ASN A 24 67.89 44.75 -0.73
CA ASN A 24 66.67 44.30 -0.09
C ASN A 24 65.41 44.86 -0.73
N VAL A 25 65.52 46.03 -1.36
CA VAL A 25 64.39 46.63 -2.05
C VAL A 25 64.22 45.98 -3.42
N ASP A 26 65.32 45.51 -3.99
CA ASP A 26 65.28 44.80 -5.27
C ASP A 26 64.62 43.45 -5.08
N LYS A 27 64.79 42.87 -3.89
CA LYS A 27 64.19 41.59 -3.56
C LYS A 27 62.70 41.75 -3.26
N VAL A 28 62.35 42.86 -2.61
CA VAL A 28 60.95 43.18 -2.34
C VAL A 28 60.26 43.59 -3.63
N LEU A 29 60.99 44.28 -4.49
CA LEU A 29 60.45 44.75 -5.75
C LEU A 29 60.07 43.57 -6.65
N GLU A 30 60.84 42.49 -6.55
CA GLU A 30 60.52 41.26 -7.27
C GLU A 30 59.38 40.51 -6.59
N ARG A 31 59.35 40.58 -5.27
CA ARG A 31 58.29 39.92 -4.52
C ARG A 31 56.96 40.55 -4.85
N ASP A 32 57.00 41.78 -5.37
CA ASP A 32 55.78 42.45 -5.79
C ASP A 32 55.28 41.86 -7.11
N GLN A 33 56.21 41.58 -8.01
CA GLN A 33 55.87 40.98 -9.30
C GLN A 33 55.48 39.52 -9.12
N LYS A 34 56.35 38.75 -8.45
CA LYS A 34 56.05 37.35 -8.17
C LYS A 34 54.73 37.21 -7.43
N LEU A 35 54.43 38.19 -6.57
CA LEU A 35 53.24 38.16 -5.74
C LEU A 35 52.03 38.61 -6.55
N SER A 36 52.23 39.60 -7.41
CA SER A 36 51.14 40.13 -8.22
C SER A 36 50.69 39.12 -9.29
N GLU A 37 51.61 38.28 -9.74
CA GLU A 37 51.31 37.27 -10.73
C GLU A 37 50.51 36.13 -10.10
N LEU A 38 50.76 35.86 -8.82
CA LEU A 38 50.05 34.81 -8.11
C LEU A 38 48.66 35.24 -7.68
N ASP A 39 48.44 36.54 -7.55
CA ASP A 39 47.10 37.03 -7.22
C ASP A 39 46.18 36.78 -8.39
N ASP A 40 46.76 36.71 -9.58
CA ASP A 40 46.00 36.49 -10.80
C ASP A 40 45.60 35.03 -10.95
N ARG A 41 46.56 34.13 -10.72
CA ARG A 41 46.27 32.70 -10.82
C ARG A 41 45.41 32.21 -9.64
N ALA A 42 45.39 32.98 -8.56
CA ALA A 42 44.56 32.65 -7.40
C ALA A 42 43.10 32.93 -7.72
N ASP A 43 42.87 34.01 -8.45
CA ASP A 43 41.53 34.41 -8.86
C ASP A 43 41.12 33.60 -10.09
N ALA A 44 42.08 33.33 -10.94
CA ALA A 44 41.85 32.54 -12.15
C ALA A 44 41.83 31.05 -11.83
N LEU A 45 41.67 30.73 -10.55
CA LEU A 45 41.58 29.34 -10.14
C LEU A 45 40.31 29.11 -9.33
N GLN A 46 40.00 30.04 -8.43
CA GLN A 46 38.77 29.96 -7.66
C GLN A 46 37.59 30.04 -8.61
N ALA A 47 37.83 30.64 -9.77
CA ALA A 47 36.80 30.76 -10.81
C ALA A 47 36.58 29.42 -11.51
N GLY A 48 37.67 28.82 -12.00
CA GLY A 48 37.59 27.54 -12.67
C GLY A 48 37.23 26.42 -11.72
N ALA A 49 37.46 26.64 -10.42
CA ALA A 49 37.08 25.66 -9.41
C ALA A 49 35.60 25.81 -9.08
N SER A 50 35.10 27.04 -9.19
CA SER A 50 33.69 27.31 -8.96
C SER A 50 32.89 26.87 -10.19
N GLN A 51 33.57 26.77 -11.33
CA GLN A 51 32.93 26.34 -12.56
C GLN A 51 32.85 24.82 -12.62
N PHE A 52 33.98 24.17 -12.39
CA PHE A 52 34.04 22.71 -12.28
C PHE A 52 33.23 22.27 -11.08
N GLU A 53 33.06 23.18 -10.12
CA GLU A 53 32.21 22.92 -8.96
C GLU A 53 30.82 22.59 -9.48
N THR A 54 30.23 23.55 -10.18
CA THR A 54 28.89 23.43 -10.72
C THR A 54 28.76 22.24 -11.70
N SER A 55 29.79 22.01 -12.51
CA SER A 55 29.79 20.92 -13.47
C SER A 55 29.81 19.55 -12.79
N ALA A 56 30.21 19.53 -11.53
CA ALA A 56 30.26 18.30 -10.76
C ALA A 56 28.91 18.07 -10.09
N ALA A 57 28.30 19.15 -9.62
CA ALA A 57 26.99 19.06 -8.98
C ALA A 57 25.94 18.63 -9.99
N LYS A 58 26.19 18.94 -11.26
CA LYS A 58 25.27 18.59 -12.33
C LYS A 58 25.28 17.08 -12.61
N LEU A 59 26.47 16.52 -12.77
CA LEU A 59 26.60 15.08 -13.02
C LEU A 59 26.01 14.27 -11.87
N LYS A 60 26.04 14.83 -10.67
CA LYS A 60 25.49 14.16 -9.50
C LYS A 60 23.97 14.08 -9.61
N ARG A 61 23.33 15.24 -9.78
CA ARG A 61 21.88 15.27 -9.93
C ARG A 61 21.44 14.43 -11.13
N LYS A 62 22.19 14.51 -12.23
CA LYS A 62 21.89 13.72 -13.43
C LYS A 62 21.77 12.22 -13.19
N TYR A 63 22.62 11.67 -12.33
CA TYR A 63 22.59 10.23 -12.10
C TYR A 63 21.74 9.84 -10.90
N TRP A 64 21.44 10.81 -10.05
CA TRP A 64 20.46 10.56 -9.00
C TRP A 64 19.10 10.46 -9.66
N TRP A 65 18.81 11.41 -10.55
CA TRP A 65 17.63 11.37 -11.41
C TRP A 65 17.57 10.09 -12.26
N LYS A 66 18.64 9.82 -13.00
CA LYS A 66 18.72 8.61 -13.80
C LYS A 66 18.45 7.39 -12.95
N ASN A 67 18.95 7.40 -11.71
CA ASN A 67 18.72 6.29 -10.79
C ASN A 67 17.27 6.17 -10.36
N LEU A 68 16.66 7.31 -10.08
CA LEU A 68 15.30 7.35 -9.56
C LEU A 68 14.33 6.66 -10.51
N LYS A 69 14.36 7.10 -11.77
CA LYS A 69 13.53 6.55 -12.83
C LYS A 69 13.60 5.03 -12.89
N MET A 70 14.80 4.47 -12.69
CA MET A 70 14.99 3.04 -12.72
C MET A 70 14.21 2.32 -11.63
N MET A 71 14.28 2.85 -10.41
CA MET A 71 13.61 2.21 -9.29
C MET A 71 12.11 2.20 -9.48
N ILE A 72 11.58 3.32 -9.98
CA ILE A 72 10.17 3.45 -10.32
C ILE A 72 9.75 2.39 -11.34
N ILE A 73 10.39 2.45 -12.50
CA ILE A 73 10.15 1.49 -13.57
C ILE A 73 10.29 0.06 -13.09
N LEU A 74 11.28 -0.18 -12.24
CA LEU A 74 11.45 -1.49 -11.63
C LEU A 74 10.23 -1.77 -10.75
N GLY A 75 9.78 -0.75 -10.03
CA GLY A 75 8.62 -0.86 -9.17
C GLY A 75 7.42 -1.39 -9.93
N VAL A 76 7.02 -0.68 -10.98
CA VAL A 76 5.88 -1.12 -11.79
C VAL A 76 6.07 -2.52 -12.37
N ILE A 77 7.18 -2.73 -13.06
CA ILE A 77 7.45 -4.01 -13.72
C ILE A 77 7.51 -5.18 -12.75
N CYS A 78 7.88 -4.89 -11.51
CA CYS A 78 7.97 -5.93 -10.48
C CYS A 78 6.59 -6.15 -9.86
N ALA A 79 5.78 -5.09 -9.90
CA ALA A 79 4.40 -5.19 -9.45
C ALA A 79 3.63 -6.09 -10.41
N ILE A 80 3.82 -5.86 -11.71
CA ILE A 80 3.24 -6.68 -12.77
C ILE A 80 3.56 -8.17 -12.57
N ILE A 81 4.84 -8.50 -12.62
CA ILE A 81 5.30 -9.87 -12.37
C ILE A 81 4.64 -10.44 -11.12
N LEU A 82 4.36 -9.57 -10.16
CA LEU A 82 3.73 -9.98 -8.92
C LEU A 82 2.26 -10.32 -9.14
N ILE A 83 1.53 -9.39 -9.74
CA ILE A 83 0.14 -9.61 -10.12
C ILE A 83 -0.02 -10.98 -10.77
N ILE A 84 0.64 -11.17 -11.91
CA ILE A 84 0.64 -12.46 -12.60
C ILE A 84 0.94 -13.62 -11.66
N ILE A 85 2.07 -13.57 -10.96
CA ILE A 85 2.47 -14.68 -10.10
C ILE A 85 1.38 -14.99 -9.06
N ILE A 86 0.44 -14.06 -8.89
CA ILE A 86 -0.62 -14.22 -7.90
C ILE A 86 -1.91 -14.81 -8.49
N VAL A 87 -2.34 -14.29 -9.63
CA VAL A 87 -3.55 -14.79 -10.27
C VAL A 87 -3.43 -16.25 -10.67
N TYR A 88 -2.26 -16.65 -11.18
CA TYR A 88 -2.04 -18.04 -11.55
C TYR A 88 -1.46 -18.84 -10.39
N PHE A 89 -1.93 -18.55 -9.18
CA PHE A 89 -1.52 -19.26 -7.99
C PHE A 89 -2.53 -19.13 -6.87
N SER A 90 -3.48 -18.21 -7.04
CA SER A 90 -4.55 -18.02 -6.06
C SER A 90 -5.72 -18.93 -6.40
N THR A 91 -5.52 -20.24 -6.25
CA THR A 91 -6.56 -21.21 -6.53
C THR A 91 -7.00 -21.13 -7.99
N LYS B 10 93.07 78.44 17.02
CA LYS B 10 92.98 78.28 15.58
C LYS B 10 93.20 76.82 15.18
N GLN B 11 93.95 76.10 15.99
CA GLN B 11 94.20 74.68 15.75
C GLN B 11 93.00 73.84 16.21
N ALA B 12 92.55 74.10 17.43
CA ALA B 12 91.40 73.39 17.99
C ALA B 12 90.16 73.60 17.14
N LEU B 13 90.08 74.76 16.48
CA LEU B 13 88.95 75.07 15.62
C LEU B 13 89.02 74.27 14.32
N SER B 14 90.23 74.14 13.79
CA SER B 14 90.41 73.42 12.53
C SER B 14 90.09 71.93 12.69
N GLU B 15 90.24 71.42 13.91
CA GLU B 15 89.96 70.01 14.17
C GLU B 15 88.51 69.78 14.58
N ILE B 16 87.80 70.86 14.89
CA ILE B 16 86.38 70.80 15.20
C ILE B 16 85.53 70.92 13.94
N GLU B 17 85.87 71.87 13.09
CA GLU B 17 85.19 72.03 11.81
C GLU B 17 85.33 70.75 10.99
N THR B 18 86.31 69.93 11.34
CA THR B 18 86.52 68.65 10.66
C THR B 18 85.60 67.56 11.23
N ARG B 19 85.43 67.54 12.55
CA ARG B 19 84.49 66.63 13.17
C ARG B 19 83.06 66.98 12.79
N HIS B 20 82.67 68.21 13.10
CA HIS B 20 81.33 68.70 12.78
C HIS B 20 80.97 68.41 11.32
N SER B 21 81.92 68.65 10.43
CA SER B 21 81.71 68.38 9.00
C SER B 21 81.35 66.93 8.75
N GLU B 22 82.05 66.01 9.39
CA GLU B 22 81.82 64.58 9.19
C GLU B 22 80.64 64.05 10.00
N ILE B 23 80.43 64.59 11.19
CA ILE B 23 79.30 64.18 12.03
C ILE B 23 77.98 64.39 11.31
N ILE B 24 77.95 65.38 10.41
CA ILE B 24 76.78 65.60 9.58
C ILE B 24 76.76 64.68 8.36
N LYS B 25 77.93 64.43 7.78
CA LYS B 25 78.05 63.44 6.71
C LYS B 25 77.47 62.13 7.21
N LEU B 26 77.57 61.90 8.52
CA LEU B 26 77.01 60.70 9.14
C LEU B 26 75.49 60.81 9.22
N GLU B 27 74.99 61.94 9.70
CA GLU B 27 73.55 62.12 9.83
C GLU B 27 72.83 61.98 8.48
N ASN B 28 73.27 62.75 7.50
CA ASN B 28 72.65 62.70 6.18
C ASN B 28 72.66 61.31 5.56
N SER B 29 73.64 60.50 5.98
CA SER B 29 73.74 59.12 5.49
C SER B 29 72.86 58.20 6.33
N ILE B 30 72.47 58.67 7.50
CA ILE B 30 71.59 57.89 8.37
C ILE B 30 70.12 58.06 7.99
N ARG B 31 69.73 59.29 7.66
CA ARG B 31 68.39 59.53 7.12
C ARG B 31 68.17 58.64 5.90
N GLU B 32 69.19 58.57 5.05
CA GLU B 32 69.13 57.70 3.88
C GLU B 32 68.80 56.28 4.29
N LEU B 33 69.42 55.82 5.37
CA LEU B 33 69.20 54.47 5.88
C LEU B 33 67.84 54.38 6.57
N HIS B 34 67.35 55.51 7.06
CA HIS B 34 66.06 55.57 7.74
C HIS B 34 64.95 55.28 6.74
N ASP B 35 65.04 55.91 5.58
CA ASP B 35 64.04 55.74 4.54
C ASP B 35 64.07 54.32 3.97
N MET B 36 65.28 53.78 3.80
CA MET B 36 65.43 52.41 3.36
C MET B 36 64.64 51.47 4.27
N PHE B 37 64.57 51.83 5.55
CA PHE B 37 63.84 51.03 6.53
C PHE B 37 62.37 51.42 6.61
N MET B 38 62.08 52.69 6.37
CA MET B 38 60.70 53.17 6.36
C MET B 38 59.95 52.68 5.12
N ASP B 39 60.54 52.89 3.95
CA ASP B 39 59.94 52.44 2.70
C ASP B 39 59.84 50.92 2.67
N MET B 40 60.69 50.26 3.45
CA MET B 40 60.66 48.81 3.53
C MET B 40 59.35 48.35 4.17
N ALA B 41 59.07 48.85 5.37
CA ALA B 41 57.86 48.51 6.10
C ALA B 41 56.61 48.94 5.32
N MET B 42 56.77 49.89 4.41
CA MET B 42 55.67 50.39 3.61
C MET B 42 55.31 49.42 2.50
N LEU B 43 56.31 48.95 1.77
CA LEU B 43 56.08 48.00 0.68
C LEU B 43 55.59 46.66 1.21
N VAL B 44 56.13 46.22 2.34
CA VAL B 44 55.75 44.95 2.93
C VAL B 44 54.31 44.97 3.47
N GLU B 45 53.87 46.13 3.93
CA GLU B 45 52.50 46.29 4.39
C GLU B 45 51.56 46.38 3.20
N SER B 46 52.04 46.98 2.12
CA SER B 46 51.27 47.13 0.89
C SER B 46 51.04 45.79 0.19
N GLN B 47 52.04 44.92 0.26
CA GLN B 47 51.94 43.60 -0.33
C GLN B 47 51.15 42.66 0.57
N GLY B 48 50.98 43.06 1.83
CA GLY B 48 50.33 42.22 2.83
C GLY B 48 48.87 41.94 2.54
N GLU B 49 48.21 42.91 1.90
CA GLU B 49 46.79 42.77 1.57
C GLU B 49 46.61 41.99 0.27
N MET B 50 47.55 42.17 -0.64
CA MET B 50 47.57 41.41 -1.88
C MET B 50 47.73 39.93 -1.59
N ILE B 51 48.26 39.62 -0.40
CA ILE B 51 48.45 38.22 0.01
C ILE B 51 47.15 37.68 0.60
N ASP B 52 46.37 38.57 1.20
CA ASP B 52 45.10 38.18 1.80
C ASP B 52 44.11 37.72 0.73
N ARG B 53 44.16 38.35 -0.44
CA ARG B 53 43.29 37.96 -1.56
C ARG B 53 43.74 36.66 -2.19
N ILE B 54 45.06 36.49 -2.33
CA ILE B 54 45.60 35.23 -2.80
C ILE B 54 45.15 34.11 -1.88
N GLU B 55 45.36 34.31 -0.58
CA GLU B 55 44.96 33.32 0.40
C GLU B 55 43.46 33.09 0.32
N TYR B 56 42.70 34.19 0.28
CA TYR B 56 41.25 34.11 0.16
C TYR B 56 40.84 33.26 -1.03
N ASN B 57 41.21 33.71 -2.23
CA ASN B 57 40.82 33.02 -3.46
C ASN B 57 41.27 31.57 -3.51
N VAL B 58 42.37 31.24 -2.84
CA VAL B 58 42.82 29.85 -2.82
C VAL B 58 42.02 29.03 -1.81
N GLU B 59 41.81 29.57 -0.62
CA GLU B 59 41.03 28.83 0.37
C GLU B 59 39.60 28.63 -0.11
N HIS B 60 39.17 29.44 -1.07
CA HIS B 60 37.89 29.25 -1.75
C HIS B 60 38.04 28.20 -2.84
N ALA B 61 39.05 28.37 -3.69
CA ALA B 61 39.34 27.41 -4.76
C ALA B 61 39.45 25.99 -4.22
N VAL B 62 40.02 25.86 -3.03
CA VAL B 62 40.15 24.56 -2.37
C VAL B 62 38.79 24.06 -1.92
N ASP B 63 38.00 24.96 -1.33
CA ASP B 63 36.65 24.63 -0.91
C ASP B 63 35.86 24.09 -2.10
N TYR B 64 35.83 24.86 -3.18
CA TYR B 64 35.09 24.47 -4.38
C TYR B 64 35.48 23.08 -4.87
N VAL B 65 36.77 22.89 -5.11
CA VAL B 65 37.25 21.59 -5.59
C VAL B 65 36.88 20.45 -4.64
N GLU B 66 36.99 20.69 -3.34
CA GLU B 66 36.67 19.68 -2.35
C GLU B 66 35.20 19.24 -2.46
N ARG B 67 34.31 20.21 -2.63
CA ARG B 67 32.90 19.91 -2.82
C ARG B 67 32.72 19.17 -4.13
N ALA B 68 33.22 19.77 -5.21
CA ALA B 68 33.11 19.20 -6.55
C ALA B 68 33.59 17.75 -6.64
N VAL B 69 34.60 17.41 -5.85
CA VAL B 69 35.17 16.07 -5.91
C VAL B 69 34.25 15.03 -5.29
N SER B 70 33.53 15.41 -4.23
CA SER B 70 32.64 14.47 -3.56
C SER B 70 31.44 14.16 -4.44
N ASP B 71 30.89 15.21 -5.04
CA ASP B 71 29.80 15.06 -6.00
C ASP B 71 30.11 13.99 -7.03
N THR B 72 31.22 14.14 -7.74
CA THR B 72 31.65 13.13 -8.71
C THR B 72 31.62 11.73 -8.07
N LYS B 73 32.12 11.62 -6.85
CA LYS B 73 32.15 10.34 -6.15
C LYS B 73 30.75 9.78 -6.01
N LYS B 74 29.79 10.69 -5.80
CA LYS B 74 28.39 10.31 -5.68
C LYS B 74 27.84 9.95 -7.05
N ALA B 75 28.10 10.82 -8.04
CA ALA B 75 27.68 10.59 -9.41
C ALA B 75 28.01 9.17 -9.90
N VAL B 76 29.20 8.69 -9.56
CA VAL B 76 29.61 7.34 -9.95
C VAL B 76 28.85 6.28 -9.16
N LYS B 77 28.49 6.61 -7.91
CA LYS B 77 27.74 5.70 -7.07
C LYS B 77 26.33 5.50 -7.60
N TYR B 78 25.64 6.61 -7.86
CA TYR B 78 24.30 6.55 -8.39
C TYR B 78 24.29 5.85 -9.74
N GLN B 79 25.23 6.22 -10.61
CA GLN B 79 25.38 5.53 -11.88
C GLN B 79 25.46 4.02 -11.70
N SER B 80 26.29 3.58 -10.76
CA SER B 80 26.48 2.14 -10.52
C SER B 80 25.22 1.51 -9.92
N LYS B 81 24.39 2.34 -9.29
CA LYS B 81 23.09 1.91 -8.79
C LYS B 81 22.14 1.73 -9.98
N ALA B 82 21.94 2.82 -10.71
CA ALA B 82 21.08 2.80 -11.89
C ALA B 82 21.49 1.71 -12.88
N ARG B 83 22.77 1.38 -12.90
CA ARG B 83 23.28 0.35 -13.80
C ARG B 83 22.74 -1.03 -13.37
N ARG B 84 22.72 -1.26 -12.06
CA ARG B 84 22.23 -2.53 -11.52
C ARG B 84 20.75 -2.70 -11.82
N LYS B 85 20.00 -1.62 -11.68
CA LYS B 85 18.56 -1.64 -11.89
C LYS B 85 18.21 -1.90 -13.36
N LYS B 86 18.92 -1.24 -14.27
CA LYS B 86 18.75 -1.46 -15.71
C LYS B 86 18.86 -2.95 -16.05
N ILE B 87 19.65 -3.67 -15.26
CA ILE B 87 19.85 -5.09 -15.47
C ILE B 87 18.68 -5.88 -14.90
N MET B 88 18.30 -5.58 -13.66
CA MET B 88 17.14 -6.19 -13.04
C MET B 88 15.95 -6.07 -13.97
N ILE B 89 15.71 -4.85 -14.44
CA ILE B 89 14.62 -4.58 -15.36
C ILE B 89 14.62 -5.52 -16.56
N ILE B 90 15.69 -5.50 -17.36
CA ILE B 90 15.81 -6.42 -18.49
C ILE B 90 15.52 -7.87 -18.08
N ILE B 91 16.08 -8.31 -16.97
CA ILE B 91 15.81 -9.65 -16.45
C ILE B 91 14.32 -9.90 -16.32
N CYS B 92 13.60 -8.90 -15.82
CA CYS B 92 12.16 -8.98 -15.63
C CYS B 92 11.43 -9.06 -16.97
N CYS B 93 11.91 -8.29 -17.93
CA CYS B 93 11.32 -8.27 -19.26
C CYS B 93 11.58 -9.56 -20.02
N VAL B 94 12.77 -10.13 -19.84
CA VAL B 94 13.05 -11.46 -20.34
C VAL B 94 12.05 -12.44 -19.74
N ILE B 95 11.70 -12.24 -18.48
CA ILE B 95 10.72 -13.07 -17.79
C ILE B 95 9.32 -12.88 -18.37
N LEU B 96 8.99 -11.64 -18.73
CA LEU B 96 7.69 -11.35 -19.32
C LEU B 96 7.59 -11.87 -20.75
N GLY B 97 8.63 -11.67 -21.54
CA GLY B 97 8.69 -12.23 -22.88
C GLY B 97 8.49 -13.72 -22.81
N ILE B 98 9.10 -14.35 -21.81
CA ILE B 98 8.96 -15.78 -21.58
C ILE B 98 7.52 -16.13 -21.21
N ILE B 99 6.90 -15.29 -20.38
CA ILE B 99 5.50 -15.47 -20.03
C ILE B 99 4.59 -15.31 -21.25
N ILE B 100 4.71 -14.16 -21.93
CA ILE B 100 3.96 -13.91 -23.17
C ILE B 100 4.14 -15.03 -24.20
N ALA B 101 5.38 -15.49 -24.36
CA ALA B 101 5.65 -16.56 -25.32
C ALA B 101 5.15 -17.89 -24.78
N SER B 102 4.89 -17.95 -23.48
CA SER B 102 4.42 -19.18 -22.86
C SER B 102 2.90 -19.28 -22.96
N THR B 103 2.26 -18.18 -23.34
CA THR B 103 0.83 -18.20 -23.61
C THR B 103 0.58 -18.36 -25.10
N ILE B 104 1.16 -17.48 -25.91
CA ILE B 104 1.06 -17.59 -27.35
C ILE B 104 1.57 -18.97 -27.77
N GLY B 105 2.45 -19.54 -26.96
CA GLY B 105 2.99 -20.86 -27.21
C GLY B 105 2.06 -21.96 -26.71
N GLY B 106 0.92 -21.54 -26.16
CA GLY B 106 -0.11 -22.46 -25.75
C GLY B 106 -1.39 -22.22 -26.53
N ILE B 107 -1.26 -22.20 -27.85
CA ILE B 107 -2.40 -21.95 -28.73
C ILE B 107 -2.94 -20.55 -28.54
N ARG C 5 90.03 91.54 22.74
CA ARG C 5 90.03 90.19 22.19
C ARG C 5 88.70 89.83 21.54
N ASN C 6 88.20 90.69 20.67
CA ASN C 6 86.97 90.39 19.95
C ASN C 6 87.27 89.43 18.80
N GLU C 7 88.48 89.53 18.26
CA GLU C 7 88.94 88.64 17.19
C GLU C 7 88.77 87.18 17.59
N LEU C 8 89.24 86.85 18.80
CA LEU C 8 89.15 85.48 19.30
C LEU C 8 87.78 85.19 19.92
N GLU C 9 87.07 86.25 20.32
CA GLU C 9 85.73 86.10 20.89
C GLU C 9 84.72 85.64 19.85
N GLU C 10 84.78 86.24 18.66
CA GLU C 10 83.91 85.84 17.57
C GLU C 10 84.40 84.58 16.87
N MET C 11 85.59 84.12 17.27
CA MET C 11 86.16 82.90 16.74
C MET C 11 85.94 81.75 17.72
N GLN C 12 85.55 82.11 18.95
CA GLN C 12 85.23 81.12 19.98
C GLN C 12 83.75 81.18 20.35
N ARG C 13 83.03 82.14 19.77
CA ARG C 13 81.58 82.17 19.86
C ARG C 13 81.00 81.25 18.80
N ARG C 14 81.61 81.27 17.61
CA ARG C 14 81.20 80.41 16.51
C ARG C 14 81.81 79.03 16.67
N ALA C 15 82.46 78.80 17.81
CA ALA C 15 83.04 77.51 18.13
C ALA C 15 82.18 76.79 19.16
N ASP C 16 81.57 77.57 20.07
CA ASP C 16 80.60 77.02 21.00
C ASP C 16 79.26 76.87 20.28
N GLN C 17 79.18 77.45 19.08
CA GLN C 17 78.01 77.31 18.22
C GLN C 17 78.03 75.94 17.56
N LEU C 18 79.19 75.56 17.04
CA LEU C 18 79.37 74.26 16.42
C LEU C 18 79.20 73.13 17.45
N ALA C 19 79.36 73.48 18.72
CA ALA C 19 79.26 72.51 19.81
C ALA C 19 77.83 71.95 19.96
N ASP C 20 76.88 72.86 20.08
CA ASP C 20 75.49 72.49 20.26
C ASP C 20 74.91 71.89 18.97
N GLU C 21 75.23 72.52 17.85
CA GLU C 21 74.74 72.04 16.55
C GLU C 21 75.10 70.57 16.33
N SER C 22 76.26 70.17 16.84
CA SER C 22 76.70 68.79 16.70
C SER C 22 76.00 67.85 17.68
N LEU C 23 75.85 68.28 18.93
CA LEU C 23 75.13 67.46 19.89
C LEU C 23 73.65 67.40 19.57
N GLU C 24 73.16 68.38 18.81
CA GLU C 24 71.76 68.37 18.39
C GLU C 24 71.53 67.36 17.28
N SER C 25 72.44 67.33 16.31
CA SER C 25 72.35 66.36 15.23
C SER C 25 72.68 64.96 15.76
N THR C 26 73.27 64.90 16.95
CA THR C 26 73.54 63.63 17.58
C THR C 26 72.29 63.15 18.31
N ARG C 27 71.47 64.09 18.77
CA ARG C 27 70.18 63.77 19.35
C ARG C 27 69.27 63.26 18.25
N ARG C 28 69.31 63.96 17.10
CA ARG C 28 68.45 63.64 15.97
C ARG C 28 68.80 62.30 15.37
N MET C 29 70.10 62.07 15.16
CA MET C 29 70.55 60.78 14.67
C MET C 29 69.99 59.67 15.54
N LEU C 30 70.19 59.79 16.85
CA LEU C 30 69.76 58.77 17.78
C LEU C 30 68.30 58.39 17.56
N GLN C 31 67.48 59.36 17.17
CA GLN C 31 66.07 59.12 16.93
C GLN C 31 65.84 58.40 15.60
N LEU C 32 66.36 58.96 14.52
CA LEU C 32 66.19 58.37 13.20
C LEU C 32 66.58 56.92 13.23
N VAL C 33 67.60 56.60 14.01
CA VAL C 33 68.07 55.23 14.11
C VAL C 33 67.10 54.39 14.94
N GLU C 34 66.52 54.99 15.97
CA GLU C 34 65.53 54.31 16.79
C GLU C 34 64.32 53.88 15.97
N GLU C 35 63.80 54.81 15.17
CA GLU C 35 62.64 54.54 14.30
C GLU C 35 63.00 53.49 13.26
N SER C 36 64.18 53.61 12.67
CA SER C 36 64.65 52.64 11.70
C SER C 36 64.63 51.23 12.28
N LYS C 37 64.83 51.13 13.59
CA LYS C 37 64.80 49.84 14.27
C LYS C 37 63.36 49.35 14.44
N ASP C 38 62.49 50.25 14.89
CA ASP C 38 61.07 49.92 15.00
C ASP C 38 60.55 49.50 13.64
N ALA C 39 60.57 50.44 12.70
CA ALA C 39 60.16 50.19 11.32
C ALA C 39 60.78 48.93 10.75
N GLY C 40 61.98 48.60 11.21
CA GLY C 40 62.67 47.41 10.75
C GLY C 40 62.03 46.15 11.30
N ILE C 41 61.73 46.16 12.59
CA ILE C 41 61.10 45.02 13.25
C ILE C 41 59.69 44.78 12.71
N ARG C 42 58.94 45.86 12.51
CA ARG C 42 57.61 45.74 11.96
C ARG C 42 57.69 44.95 10.66
N THR C 43 58.64 45.33 9.81
CA THR C 43 58.84 44.65 8.54
C THR C 43 59.17 43.17 8.71
N LEU C 44 59.97 42.86 9.72
CA LEU C 44 60.39 41.49 9.95
C LEU C 44 59.25 40.65 10.47
N VAL C 45 58.41 41.25 11.31
CA VAL C 45 57.27 40.55 11.88
C VAL C 45 56.23 40.27 10.80
N MET C 46 55.99 41.26 9.95
CA MET C 46 55.05 41.11 8.84
C MET C 46 55.45 39.93 7.96
N LEU C 47 56.69 39.94 7.49
CA LEU C 47 57.20 38.85 6.65
C LEU C 47 57.03 37.51 7.35
N ASP C 48 56.95 37.54 8.68
CA ASP C 48 56.81 36.32 9.46
C ASP C 48 55.37 35.82 9.40
N GLU C 49 54.42 36.75 9.45
CA GLU C 49 52.99 36.45 9.38
C GLU C 49 52.60 36.05 7.96
N GLN C 50 53.07 36.83 7.00
CA GLN C 50 52.86 36.56 5.58
C GLN C 50 53.63 35.32 5.15
N GLY C 51 54.64 34.97 5.93
CA GLY C 51 55.42 33.78 5.66
C GLY C 51 54.56 32.55 5.87
N GLU C 52 53.70 32.62 6.88
CA GLU C 52 52.77 31.55 7.22
C GLU C 52 51.61 31.51 6.22
N GLN C 53 51.15 32.69 5.81
CA GLN C 53 50.09 32.78 4.83
C GLN C 53 50.49 32.01 3.57
N LEU C 54 51.68 32.28 3.06
CA LEU C 54 52.20 31.55 1.92
C LEU C 54 52.36 30.06 2.24
N ASP C 55 52.70 29.75 3.48
CA ASP C 55 52.78 28.36 3.91
C ASP C 55 51.44 27.67 3.73
N ARG C 56 50.38 28.38 4.09
CA ARG C 56 49.03 27.87 3.93
C ARG C 56 48.67 27.73 2.46
N VAL C 57 48.92 28.79 1.69
CA VAL C 57 48.63 28.78 0.26
C VAL C 57 49.29 27.61 -0.46
N GLU C 58 50.43 27.15 0.05
CA GLU C 58 51.13 26.02 -0.58
C GLU C 58 50.46 24.70 -0.22
N GLU C 59 50.03 24.57 1.04
CA GLU C 59 49.23 23.41 1.44
C GLU C 59 48.03 23.33 0.52
N GLY C 60 47.51 24.49 0.14
CA GLY C 60 46.35 24.57 -0.74
C GLY C 60 46.56 23.81 -2.03
N MET C 61 47.56 24.22 -2.81
CA MET C 61 47.84 23.58 -4.07
C MET C 61 48.08 22.08 -3.90
N ASN C 62 48.67 21.71 -2.76
CA ASN C 62 48.92 20.30 -2.48
C ASN C 62 47.62 19.54 -2.33
N HIS C 63 46.73 20.07 -1.49
CA HIS C 63 45.40 19.50 -1.32
C HIS C 63 44.72 19.40 -2.67
N ILE C 64 44.59 20.54 -3.34
CA ILE C 64 43.97 20.60 -4.66
C ILE C 64 44.56 19.58 -5.62
N ASN C 65 45.86 19.38 -5.56
CA ASN C 65 46.50 18.45 -6.48
C ASN C 65 46.09 17.02 -6.21
N GLN C 66 46.05 16.65 -4.93
CA GLN C 66 45.65 15.31 -4.53
C GLN C 66 44.18 15.04 -4.87
N ASP C 67 43.35 16.08 -4.76
CA ASP C 67 41.93 15.96 -5.04
C ASP C 67 41.66 15.85 -6.55
N MET C 68 42.21 16.77 -7.33
CA MET C 68 42.09 16.73 -8.78
C MET C 68 42.60 15.41 -9.33
N LYS C 69 43.43 14.73 -8.56
CA LYS C 69 43.94 13.43 -8.95
C LYS C 69 42.90 12.36 -8.67
N GLU C 70 42.02 12.65 -7.72
CA GLU C 70 40.89 11.78 -7.36
C GLU C 70 39.72 11.98 -8.32
N ALA C 71 39.30 13.23 -8.48
CA ALA C 71 38.26 13.59 -9.44
C ALA C 71 38.65 13.14 -10.84
N GLU C 72 39.93 12.87 -11.03
CA GLU C 72 40.41 12.30 -12.27
C GLU C 72 40.00 10.85 -12.31
N LYS C 73 40.34 10.13 -11.25
CA LYS C 73 39.98 8.72 -11.11
C LYS C 73 38.50 8.53 -11.36
N ASN C 74 37.69 9.42 -10.80
CA ASN C 74 36.23 9.29 -10.86
C ASN C 74 35.66 9.46 -12.26
N LEU C 75 35.95 10.59 -12.90
CA LEU C 75 35.45 10.87 -14.24
C LEU C 75 35.91 9.82 -15.26
N LYS C 76 36.82 8.94 -14.86
CA LYS C 76 37.23 7.82 -15.71
C LYS C 76 36.18 6.72 -15.59
N ASP C 77 35.58 6.62 -14.42
CA ASP C 77 34.51 5.67 -14.16
C ASP C 77 33.18 6.18 -14.73
N LEU C 78 33.24 7.27 -15.48
CA LEU C 78 32.08 7.84 -16.15
C LEU C 78 32.32 7.92 -17.65
N GLY C 79 33.12 6.99 -18.17
CA GLY C 79 33.45 6.97 -19.58
C GLY C 79 34.17 8.22 -20.03
N SER D 2 77.31 73.51 31.09
CA SER D 2 78.70 73.39 30.65
C SER D 2 78.79 72.83 29.24
N HIS D 3 80.01 72.77 28.71
CA HIS D 3 80.21 72.28 27.34
C HIS D 3 81.15 71.08 27.28
N MET D 4 81.92 70.87 28.35
CA MET D 4 82.82 69.72 28.44
C MET D 4 82.02 68.45 28.65
N ALA D 5 80.86 68.60 29.29
CA ALA D 5 79.93 67.48 29.44
C ALA D 5 79.08 67.38 28.19
N ARG D 6 78.88 68.51 27.51
CA ARG D 6 78.11 68.54 26.27
C ARG D 6 78.73 67.60 25.26
N GLU D 7 80.04 67.67 25.13
CA GLU D 7 80.77 66.73 24.29
C GLU D 7 80.59 65.34 24.87
N ASN D 8 80.91 65.20 26.15
CA ASN D 8 80.86 63.91 26.83
C ASN D 8 79.50 63.22 26.70
N GLU D 9 78.45 64.01 26.48
CA GLU D 9 77.12 63.48 26.30
C GLU D 9 76.85 63.13 24.84
N MET D 10 77.19 64.04 23.93
CA MET D 10 76.99 63.81 22.50
C MET D 10 77.89 62.67 22.00
N ASP D 11 78.84 62.25 22.82
CA ASP D 11 79.70 61.13 22.49
C ASP D 11 79.13 59.85 23.09
N GLU D 12 78.54 60.00 24.28
CA GLU D 12 77.95 58.87 24.99
C GLU D 12 76.71 58.32 24.29
N ASN D 13 75.94 59.20 23.65
CA ASN D 13 74.76 58.75 22.90
C ASN D 13 75.08 58.48 21.42
N LEU D 14 76.10 59.16 20.92
CA LEU D 14 76.63 58.84 19.59
C LEU D 14 77.12 57.40 19.60
N GLU D 15 77.57 56.95 20.78
CA GLU D 15 77.97 55.58 20.99
C GLU D 15 76.80 54.63 20.72
N GLN D 16 75.64 54.99 21.25
CA GLN D 16 74.42 54.22 21.01
C GLN D 16 74.11 54.09 19.52
N VAL D 17 74.04 55.23 18.84
CA VAL D 17 73.85 55.24 17.40
C VAL D 17 74.64 54.13 16.73
N SER D 18 75.92 54.03 17.11
CA SER D 18 76.81 53.01 16.57
C SER D 18 76.25 51.61 16.78
N GLY D 19 75.93 51.29 18.03
CA GLY D 19 75.43 49.98 18.40
C GLY D 19 74.13 49.60 17.73
N ILE D 20 73.17 50.53 17.72
CA ILE D 20 71.88 50.28 17.09
C ILE D 20 72.06 50.03 15.61
N ILE D 21 72.94 50.78 14.97
CA ILE D 21 73.32 50.53 13.58
C ILE D 21 73.88 49.11 13.45
N GLY D 22 74.45 48.59 14.53
CA GLY D 22 74.91 47.23 14.56
C GLY D 22 73.75 46.27 14.41
N ASN D 23 72.66 46.58 15.11
CA ASN D 23 71.43 45.81 15.01
C ASN D 23 70.89 45.90 13.59
N LEU D 24 70.74 47.12 13.09
CA LEU D 24 70.17 47.35 11.76
C LEU D 24 70.79 46.46 10.68
N ARG D 25 72.12 46.40 10.62
CA ARG D 25 72.77 45.51 9.66
C ARG D 25 72.31 44.08 9.90
N HIS D 26 72.52 43.60 11.12
CA HIS D 26 72.10 42.26 11.50
C HIS D 26 70.71 41.99 10.92
N MET D 27 69.77 42.87 11.23
CA MET D 27 68.38 42.73 10.79
C MET D 27 68.22 42.69 9.28
N ALA D 28 68.82 43.65 8.59
CA ALA D 28 68.74 43.74 7.13
C ALA D 28 69.27 42.49 6.44
N LEU D 29 70.11 41.72 7.14
CA LEU D 29 70.64 40.49 6.58
C LEU D 29 69.61 39.38 6.62
N ASP D 30 68.82 39.35 7.69
CA ASP D 30 67.75 38.38 7.86
C ASP D 30 66.58 38.76 6.94
N MET D 31 66.20 40.03 7.01
CA MET D 31 65.15 40.59 6.15
C MET D 31 65.39 40.25 4.68
N GLY D 32 66.64 40.00 4.34
CA GLY D 32 67.00 39.65 2.99
C GLY D 32 66.92 38.15 2.78
N ASN D 33 67.61 37.40 3.64
CA ASN D 33 67.62 35.95 3.55
C ASN D 33 66.21 35.35 3.66
N GLU D 34 65.28 36.15 4.19
CA GLU D 34 63.89 35.72 4.29
C GLU D 34 63.17 35.92 2.97
N ILE D 35 63.25 37.13 2.42
CA ILE D 35 62.66 37.43 1.12
C ILE D 35 63.30 36.59 0.02
N ASP D 36 64.52 36.10 0.28
CA ASP D 36 65.20 35.23 -0.66
C ASP D 36 64.55 33.86 -0.65
N THR D 37 63.84 33.56 0.43
CA THR D 37 63.13 32.30 0.55
C THR D 37 61.67 32.45 0.13
N GLN D 38 61.07 33.59 0.46
CA GLN D 38 59.69 33.86 0.06
C GLN D 38 59.54 34.06 -1.44
N ASN D 39 60.56 34.66 -2.07
CA ASN D 39 60.57 34.75 -3.53
C ASN D 39 60.83 33.40 -4.16
N ARG D 40 61.41 32.49 -3.37
CA ARG D 40 61.65 31.13 -3.79
C ARG D 40 60.34 30.34 -3.72
N GLN D 41 59.56 30.62 -2.68
CA GLN D 41 58.30 29.95 -2.44
C GLN D 41 57.29 30.31 -3.52
N ILE D 42 57.06 31.60 -3.69
CA ILE D 42 56.12 32.09 -4.69
C ILE D 42 56.45 31.59 -6.10
N ASP D 43 57.74 31.50 -6.42
CA ASP D 43 58.14 30.95 -7.71
C ASP D 43 57.67 29.51 -7.85
N ARG D 44 57.71 28.76 -6.75
CA ARG D 44 57.30 27.36 -6.75
C ARG D 44 55.79 27.24 -6.73
N ILE D 45 55.15 28.01 -5.87
CA ILE D 45 53.70 28.01 -5.75
C ILE D 45 53.02 28.31 -7.08
N MET D 46 53.57 29.25 -7.84
CA MET D 46 53.02 29.57 -9.16
C MET D 46 53.17 28.41 -10.15
N GLU D 47 54.14 27.53 -9.91
CA GLU D 47 54.31 26.36 -10.75
C GLU D 47 53.26 25.30 -10.42
N LYS D 48 53.10 25.02 -9.13
CA LYS D 48 52.07 24.11 -8.69
C LYS D 48 50.68 24.61 -9.10
N ALA D 49 50.47 25.92 -8.99
CA ALA D 49 49.20 26.53 -9.35
C ALA D 49 49.03 26.71 -10.86
N ASP D 50 50.06 26.36 -11.61
CA ASP D 50 49.96 26.31 -13.07
C ASP D 50 49.55 24.90 -13.46
N SER D 51 50.04 23.93 -12.69
CA SER D 51 49.70 22.53 -12.89
C SER D 51 48.23 22.27 -12.58
N ASN D 52 47.69 23.05 -11.64
CA ASN D 52 46.32 22.85 -11.20
C ASN D 52 45.28 23.58 -12.05
N LYS D 53 45.70 24.63 -12.76
CA LYS D 53 44.78 25.29 -13.70
C LYS D 53 44.73 24.47 -14.99
N THR D 54 45.81 23.74 -15.26
CA THR D 54 45.86 22.82 -16.38
C THR D 54 45.08 21.56 -16.00
N ARG D 55 45.10 21.23 -14.72
CA ARG D 55 44.40 20.07 -14.19
C ARG D 55 42.89 20.30 -14.18
N ILE D 56 42.49 21.56 -14.02
CA ILE D 56 41.08 21.92 -13.92
C ILE D 56 40.47 22.30 -15.28
N ASP D 57 41.22 23.06 -16.07
CA ASP D 57 40.77 23.42 -17.41
C ASP D 57 40.53 22.17 -18.24
N GLU D 58 41.34 21.14 -17.99
CA GLU D 58 41.23 19.87 -18.70
C GLU D 58 40.04 19.06 -18.23
N ALA D 59 39.88 18.92 -16.92
CA ALA D 59 38.79 18.15 -16.36
C ALA D 59 37.44 18.83 -16.57
N ASN D 60 37.43 20.16 -16.53
CA ASN D 60 36.20 20.93 -16.68
C ASN D 60 35.67 20.89 -18.11
N GLN D 61 36.54 20.52 -19.05
CA GLN D 61 36.17 20.46 -20.45
C GLN D 61 35.87 19.03 -20.85
N ARG D 62 36.09 18.11 -19.92
CA ARG D 62 35.80 16.70 -20.15
C ARG D 62 34.41 16.36 -19.62
N ALA D 63 33.85 17.25 -18.81
CA ALA D 63 32.49 17.09 -18.30
C ALA D 63 31.47 17.42 -19.39
N THR D 64 31.90 18.24 -20.35
CA THR D 64 31.05 18.65 -21.46
C THR D 64 30.90 17.54 -22.50
N GLY E 1 -98.43 -52.86 11.81
CA GLY E 1 -97.95 -53.71 10.73
C GLY E 1 -96.80 -53.12 9.95
N SER E 2 -96.96 -51.86 9.54
CA SER E 2 -95.88 -51.14 8.87
C SER E 2 -94.78 -50.83 9.87
N HIS E 3 -95.02 -51.17 11.13
CA HIS E 3 -94.02 -50.98 12.17
C HIS E 3 -93.09 -52.18 12.27
N MET E 4 -92.90 -52.85 11.14
CA MET E 4 -91.92 -53.93 11.01
C MET E 4 -91.31 -53.89 9.62
N ARG E 5 -91.98 -53.17 8.73
CA ARG E 5 -91.43 -52.86 7.42
C ARG E 5 -90.48 -51.70 7.58
N ARG E 6 -90.78 -50.84 8.55
CA ARG E 6 -89.94 -49.71 8.86
C ARG E 6 -88.63 -50.17 9.47
N LEU E 7 -88.67 -51.27 10.22
CA LEU E 7 -87.46 -51.84 10.79
C LEU E 7 -86.64 -52.53 9.70
N GLN E 8 -87.33 -53.24 8.81
CA GLN E 8 -86.68 -53.96 7.72
C GLN E 8 -86.02 -53.01 6.72
N GLN E 9 -86.64 -51.86 6.49
CA GLN E 9 -86.10 -50.86 5.57
C GLN E 9 -84.93 -50.12 6.20
N THR E 10 -85.15 -49.63 7.41
CA THR E 10 -84.13 -48.87 8.12
C THR E 10 -82.89 -49.72 8.37
N GLN E 11 -83.11 -50.98 8.74
CA GLN E 11 -81.98 -51.90 8.95
C GLN E 11 -81.31 -52.22 7.63
N ALA E 12 -82.02 -52.01 6.54
CA ALA E 12 -81.46 -52.22 5.20
C ALA E 12 -80.50 -51.09 4.86
N GLN E 13 -80.95 -49.86 5.07
CA GLN E 13 -80.10 -48.68 4.88
C GLN E 13 -78.77 -48.83 5.65
N VAL E 14 -78.89 -49.05 6.95
CA VAL E 14 -77.73 -49.16 7.83
C VAL E 14 -76.69 -50.13 7.30
N ASP E 15 -77.12 -51.37 7.09
CA ASP E 15 -76.23 -52.42 6.61
C ASP E 15 -75.47 -52.00 5.35
N GLU E 16 -76.16 -51.27 4.47
CA GLU E 16 -75.55 -50.77 3.24
C GLU E 16 -74.45 -49.75 3.54
N VAL E 17 -74.81 -48.72 4.29
CA VAL E 17 -73.86 -47.69 4.69
C VAL E 17 -72.67 -48.31 5.40
N VAL E 18 -72.94 -49.27 6.29
CA VAL E 18 -71.86 -49.96 6.99
C VAL E 18 -70.97 -50.71 5.99
N ASP E 19 -71.59 -51.32 4.99
CA ASP E 19 -70.85 -52.02 3.95
C ASP E 19 -69.96 -51.06 3.17
N ILE E 20 -70.49 -49.87 2.91
CA ILE E 20 -69.74 -48.82 2.22
C ILE E 20 -68.51 -48.36 2.99
N MET E 21 -68.70 -48.07 4.28
CA MET E 21 -67.63 -47.54 5.13
C MET E 21 -66.52 -48.56 5.36
N ARG E 22 -66.86 -49.84 5.30
CA ARG E 22 -65.85 -50.89 5.37
C ARG E 22 -64.90 -50.70 4.20
N VAL E 23 -65.46 -50.32 3.06
CA VAL E 23 -64.68 -50.04 1.85
C VAL E 23 -63.91 -48.73 2.01
N ASN E 24 -64.57 -47.71 2.52
CA ASN E 24 -63.96 -46.40 2.71
C ASN E 24 -62.76 -46.43 3.65
N VAL E 25 -62.79 -47.33 4.63
CA VAL E 25 -61.68 -47.48 5.56
C VAL E 25 -60.49 -48.16 4.87
N ASP E 26 -60.79 -48.98 3.86
CA ASP E 26 -59.75 -49.64 3.08
C ASP E 26 -59.08 -48.66 2.11
N LYS E 27 -59.83 -47.64 1.70
CA LYS E 27 -59.30 -46.60 0.82
C LYS E 27 -58.48 -45.59 1.61
N VAL E 28 -58.95 -45.25 2.81
CA VAL E 28 -58.19 -44.41 3.72
C VAL E 28 -56.95 -45.13 4.23
N LEU E 29 -57.10 -46.42 4.49
CA LEU E 29 -55.99 -47.22 5.00
C LEU E 29 -54.86 -47.26 3.98
N GLU E 30 -55.21 -47.31 2.69
CA GLU E 30 -54.23 -47.24 1.63
C GLU E 30 -53.65 -45.83 1.51
N ARG E 31 -54.51 -44.83 1.68
CA ARG E 31 -54.06 -43.45 1.60
C ARG E 31 -52.95 -43.19 2.62
N ASP E 32 -52.97 -43.92 3.72
CA ASP E 32 -51.96 -43.75 4.76
C ASP E 32 -50.60 -44.23 4.29
N GLN E 33 -50.59 -45.34 3.55
CA GLN E 33 -49.36 -45.89 3.01
C GLN E 33 -48.88 -45.06 1.82
N LYS E 34 -49.78 -44.78 0.88
CA LYS E 34 -49.47 -43.96 -0.29
C LYS E 34 -48.99 -42.58 0.16
N LEU E 35 -49.51 -42.14 1.30
CA LEU E 35 -49.18 -40.83 1.84
C LEU E 35 -47.89 -40.88 2.66
N SER E 36 -47.67 -42.02 3.32
CA SER E 36 -46.47 -42.18 4.15
C SER E 36 -45.22 -42.30 3.28
N GLU E 37 -45.38 -42.87 2.09
CA GLU E 37 -44.28 -43.05 1.17
C GLU E 37 -43.89 -41.74 0.49
N LEU E 38 -44.88 -40.87 0.27
CA LEU E 38 -44.61 -39.57 -0.32
C LEU E 38 -43.98 -38.61 0.68
N ASP E 39 -44.20 -38.86 1.97
CA ASP E 39 -43.58 -38.05 3.00
C ASP E 39 -42.08 -38.28 3.01
N ASP E 40 -41.67 -39.48 2.63
CA ASP E 40 -40.26 -39.84 2.55
C ASP E 40 -39.60 -39.20 1.34
N ARG E 41 -40.24 -39.33 0.18
CA ARG E 41 -39.71 -38.79 -1.06
C ARG E 41 -39.69 -37.26 -1.01
N ALA E 42 -40.63 -36.69 -0.26
CA ALA E 42 -40.72 -35.24 -0.12
C ALA E 42 -39.53 -34.71 0.66
N ASP E 43 -39.16 -35.44 1.71
CA ASP E 43 -38.03 -35.06 2.55
C ASP E 43 -36.72 -35.40 1.85
N ALA E 44 -36.69 -36.57 1.22
CA ALA E 44 -35.52 -37.05 0.50
C ALA E 44 -35.25 -36.20 -0.74
N LEU E 45 -36.18 -35.30 -1.04
CA LEU E 45 -36.05 -34.46 -2.22
C LEU E 45 -35.62 -33.05 -1.85
N GLN E 46 -36.16 -32.55 -0.74
CA GLN E 46 -35.77 -31.23 -0.26
C GLN E 46 -34.32 -31.30 0.21
N ALA E 47 -33.89 -32.50 0.59
CA ALA E 47 -32.50 -32.72 0.99
C ALA E 47 -31.57 -32.59 -0.20
N GLY E 48 -31.82 -33.41 -1.23
CA GLY E 48 -31.01 -33.38 -2.44
C GLY E 48 -31.16 -32.05 -3.17
N ALA E 49 -32.28 -31.37 -2.91
CA ALA E 49 -32.52 -30.06 -3.52
C ALA E 49 -31.67 -29.00 -2.84
N SER E 50 -31.48 -29.15 -1.53
CA SER E 50 -30.64 -28.23 -0.77
C SER E 50 -29.16 -28.49 -1.09
N GLN E 51 -28.85 -29.75 -1.39
CA GLN E 51 -27.50 -30.13 -1.75
C GLN E 51 -27.12 -29.54 -3.10
N PHE E 52 -27.92 -29.80 -4.12
CA PHE E 52 -27.69 -29.22 -5.44
C PHE E 52 -27.81 -27.71 -5.38
N GLU E 53 -28.43 -27.22 -4.31
CA GLU E 53 -28.55 -25.78 -4.08
C GLU E 53 -27.20 -25.15 -3.79
N THR E 54 -26.43 -25.79 -2.92
CA THR E 54 -25.10 -25.30 -2.58
C THR E 54 -24.14 -25.49 -3.75
N SER E 55 -24.15 -26.69 -4.32
CA SER E 55 -23.31 -27.02 -5.45
C SER E 55 -23.49 -26.04 -6.59
N ALA E 56 -24.70 -25.51 -6.71
CA ALA E 56 -25.00 -24.53 -7.75
C ALA E 56 -24.38 -23.18 -7.39
N ALA E 57 -24.61 -22.75 -6.16
CA ALA E 57 -24.04 -21.51 -5.66
C ALA E 57 -22.53 -21.51 -5.86
N LYS E 58 -21.91 -22.66 -5.66
CA LYS E 58 -20.47 -22.80 -5.81
C LYS E 58 -20.05 -22.48 -7.23
N LEU E 59 -20.61 -23.19 -8.19
CA LEU E 59 -20.28 -22.98 -9.60
C LEU E 59 -20.39 -21.51 -9.98
N LYS E 60 -21.33 -20.81 -9.36
CA LYS E 60 -21.52 -19.38 -9.59
C LYS E 60 -20.32 -18.58 -9.12
N ARG E 61 -19.99 -18.71 -7.83
CA ARG E 61 -18.85 -17.99 -7.27
C ARG E 61 -17.55 -18.34 -8.00
N LYS E 62 -17.36 -19.62 -8.32
CA LYS E 62 -16.19 -20.04 -9.09
C LYS E 62 -16.01 -19.19 -10.35
N TYR E 63 -17.07 -19.03 -11.13
CA TYR E 63 -16.91 -18.34 -12.41
C TYR E 63 -16.92 -16.83 -12.29
N TRP E 64 -17.52 -16.30 -11.22
CA TRP E 64 -17.44 -14.87 -10.98
C TRP E 64 -16.00 -14.51 -10.69
N TRP E 65 -15.40 -15.25 -9.76
CA TRP E 65 -13.98 -15.17 -9.46
C TRP E 65 -13.13 -15.31 -10.72
N LYS E 66 -13.42 -16.36 -11.50
CA LYS E 66 -12.70 -16.66 -12.72
C LYS E 66 -12.79 -15.49 -13.69
N ASN E 67 -13.94 -14.81 -13.67
CA ASN E 67 -14.15 -13.64 -14.51
C ASN E 67 -13.35 -12.45 -14.02
N LEU E 68 -13.31 -12.28 -12.71
CA LEU E 68 -12.60 -11.16 -12.09
C LEU E 68 -11.15 -11.14 -12.52
N LYS E 69 -10.47 -12.27 -12.30
CA LYS E 69 -9.06 -12.43 -12.66
C LYS E 69 -8.76 -12.00 -14.09
N MET E 70 -9.60 -12.42 -15.04
CA MET E 70 -9.38 -12.09 -16.44
C MET E 70 -9.36 -10.58 -16.66
N MET E 71 -10.28 -9.89 -16.00
CA MET E 71 -10.42 -8.45 -16.20
C MET E 71 -9.26 -7.70 -15.58
N ILE E 72 -8.86 -8.12 -14.37
CA ILE E 72 -7.65 -7.60 -13.76
C ILE E 72 -6.49 -7.69 -14.75
N ILE E 73 -6.10 -8.91 -15.08
CA ILE E 73 -5.04 -9.19 -16.04
C ILE E 73 -5.20 -8.45 -17.36
N LEU E 74 -6.44 -8.31 -17.81
CA LEU E 74 -6.70 -7.58 -19.04
C LEU E 74 -6.35 -6.11 -18.87
N GLY E 75 -6.85 -5.48 -17.80
CA GLY E 75 -6.56 -4.09 -17.53
C GLY E 75 -5.06 -3.85 -17.47
N VAL E 76 -4.37 -4.76 -16.79
CA VAL E 76 -2.93 -4.72 -16.63
C VAL E 76 -2.22 -4.77 -17.99
N ILE E 77 -2.48 -5.83 -18.75
CA ILE E 77 -1.83 -6.02 -20.04
C ILE E 77 -2.16 -4.91 -21.04
N CYS E 78 -3.33 -4.29 -20.89
CA CYS E 78 -3.74 -3.23 -21.80
C CYS E 78 -3.11 -1.91 -21.38
N ALA E 79 -2.96 -1.72 -20.07
CA ALA E 79 -2.21 -0.59 -19.54
C ALA E 79 -0.76 -0.65 -20.07
N ILE E 80 -0.21 -1.86 -20.09
CA ILE E 80 1.11 -2.11 -20.67
C ILE E 80 1.18 -1.61 -22.12
N ILE E 81 0.23 -2.06 -22.94
CA ILE E 81 0.21 -1.63 -24.32
C ILE E 81 0.03 -0.11 -24.40
N LEU E 82 -0.74 0.44 -23.47
CA LEU E 82 -0.96 1.88 -23.43
C LEU E 82 0.35 2.61 -23.14
N ILE E 83 0.94 2.32 -21.99
CA ILE E 83 2.28 2.78 -21.66
C ILE E 83 3.17 2.89 -22.90
N ILE E 84 3.28 1.78 -23.64
CA ILE E 84 4.13 1.71 -24.82
C ILE E 84 3.62 2.61 -25.95
N ILE E 85 2.34 2.47 -26.28
CA ILE E 85 1.76 3.29 -27.34
C ILE E 85 1.86 4.77 -26.98
N ILE E 86 2.29 5.06 -25.76
CA ILE E 86 2.44 6.43 -25.27
C ILE E 86 3.88 6.94 -25.39
N VAL E 87 4.84 6.12 -24.96
CA VAL E 87 6.25 6.49 -25.03
C VAL E 87 6.73 6.71 -26.47
N TYR E 88 6.29 5.84 -27.37
CA TYR E 88 6.68 5.92 -28.77
C TYR E 88 5.70 6.75 -29.60
N PHE E 89 5.09 7.75 -28.95
CA PHE E 89 4.18 8.67 -29.61
C PHE E 89 4.14 10.04 -28.91
N SER E 90 4.94 10.17 -27.86
CA SER E 90 5.02 11.42 -27.12
C SER E 90 6.31 12.17 -27.43
N SER F 9 -102.35 -58.68 27.79
CA SER F 9 -102.55 -59.70 26.77
C SER F 9 -101.38 -60.68 26.70
N LYS F 10 -101.45 -61.61 25.76
CA LYS F 10 -100.37 -62.57 25.53
C LYS F 10 -99.92 -62.48 24.09
N GLN F 11 -100.85 -62.07 23.22
CA GLN F 11 -100.55 -61.86 21.81
C GLN F 11 -99.85 -60.51 21.62
N ALA F 12 -100.38 -59.48 22.27
CA ALA F 12 -99.81 -58.14 22.18
C ALA F 12 -98.41 -58.11 22.76
N LEU F 13 -98.13 -58.99 23.71
CA LEU F 13 -96.82 -59.07 24.33
C LEU F 13 -95.82 -59.74 23.39
N SER F 14 -96.27 -60.78 22.71
CA SER F 14 -95.41 -61.52 21.79
C SER F 14 -94.92 -60.65 20.64
N GLU F 15 -95.75 -59.69 20.22
CA GLU F 15 -95.42 -58.81 19.10
C GLU F 15 -94.61 -57.59 19.53
N ILE F 16 -94.61 -57.30 20.83
CA ILE F 16 -93.78 -56.23 21.38
C ILE F 16 -92.37 -56.74 21.60
N GLU F 17 -92.27 -57.95 22.13
CA GLU F 17 -90.97 -58.56 22.38
C GLU F 17 -90.23 -58.80 21.08
N THR F 18 -90.96 -58.74 19.96
CA THR F 18 -90.34 -58.92 18.64
C THR F 18 -89.87 -57.59 18.07
N ARG F 19 -90.67 -56.54 18.28
CA ARG F 19 -90.24 -55.19 17.91
C ARG F 19 -89.01 -54.80 18.71
N HIS F 20 -89.15 -54.81 20.04
CA HIS F 20 -88.07 -54.47 20.94
C HIS F 20 -86.80 -55.25 20.60
N SER F 21 -86.96 -56.54 20.33
CA SER F 21 -85.82 -57.38 19.96
C SER F 21 -85.07 -56.82 18.77
N GLU F 22 -85.81 -56.39 17.75
CA GLU F 22 -85.19 -55.87 16.53
C GLU F 22 -84.76 -54.42 16.64
N ILE F 23 -85.48 -53.64 17.44
CA ILE F 23 -85.14 -52.24 17.64
C ILE F 23 -83.75 -52.09 18.25
N ILE F 24 -83.33 -53.07 19.04
CA ILE F 24 -81.99 -53.08 19.61
C ILE F 24 -81.00 -53.66 18.61
N LYS F 25 -81.44 -54.62 17.81
CA LYS F 25 -80.62 -55.13 16.72
C LYS F 25 -80.24 -53.99 15.78
N LEU F 26 -81.12 -52.99 15.71
CA LEU F 26 -80.87 -51.81 14.90
C LEU F 26 -79.87 -50.89 15.58
N GLU F 27 -80.08 -50.63 16.86
CA GLU F 27 -79.18 -49.79 17.63
C GLU F 27 -77.76 -50.36 17.62
N ASN F 28 -77.64 -51.64 17.96
CA ASN F 28 -76.35 -52.31 17.99
C ASN F 28 -75.66 -52.29 16.63
N SER F 29 -76.46 -52.19 15.56
CA SER F 29 -75.90 -52.12 14.22
C SER F 29 -75.66 -50.68 13.80
N ILE F 30 -76.15 -49.75 14.59
CA ILE F 30 -75.93 -48.32 14.33
C ILE F 30 -74.66 -47.82 15.01
N ARG F 31 -74.43 -48.26 16.25
CA ARG F 31 -73.17 -47.99 16.94
C ARG F 31 -72.02 -48.45 16.06
N GLU F 32 -72.20 -49.61 15.43
CA GLU F 32 -71.21 -50.15 14.51
C GLU F 32 -70.91 -49.17 13.40
N LEU F 33 -71.96 -48.53 12.86
CA LEU F 33 -71.80 -47.54 11.81
C LEU F 33 -71.23 -46.22 12.35
N HIS F 34 -71.47 -45.95 13.62
CA HIS F 34 -70.99 -44.73 14.26
C HIS F 34 -69.49 -44.74 14.39
N ASP F 35 -68.94 -45.92 14.68
CA ASP F 35 -67.51 -46.07 14.78
C ASP F 35 -66.87 -45.96 13.41
N MET F 36 -67.54 -46.50 12.39
CA MET F 36 -67.07 -46.41 11.02
C MET F 36 -66.83 -44.95 10.64
N PHE F 37 -67.68 -44.06 11.15
CA PHE F 37 -67.58 -42.65 10.85
C PHE F 37 -66.63 -41.94 11.81
N MET F 38 -66.68 -42.33 13.08
CA MET F 38 -65.78 -41.75 14.08
C MET F 38 -64.33 -42.11 13.78
N ASP F 39 -64.08 -43.40 13.53
CA ASP F 39 -62.75 -43.86 13.18
C ASP F 39 -62.31 -43.29 11.84
N MET F 40 -63.28 -42.91 11.01
CA MET F 40 -62.99 -42.31 9.73
C MET F 40 -62.35 -40.94 9.90
N ALA F 41 -62.98 -40.08 10.70
CA ALA F 41 -62.46 -38.74 10.95
C ALA F 41 -61.17 -38.79 11.76
N MET F 42 -60.99 -39.89 12.49
CA MET F 42 -59.79 -40.11 13.29
C MET F 42 -58.56 -40.27 12.40
N LEU F 43 -58.67 -41.15 11.41
CA LEU F 43 -57.56 -41.46 10.51
C LEU F 43 -57.28 -40.32 9.53
N VAL F 44 -58.33 -39.61 9.10
CA VAL F 44 -58.18 -38.50 8.18
C VAL F 44 -57.44 -37.36 8.84
N GLU F 45 -57.75 -37.12 10.11
CA GLU F 45 -57.06 -36.09 10.88
C GLU F 45 -55.61 -36.53 11.12
N SER F 46 -55.44 -37.81 11.43
CA SER F 46 -54.12 -38.40 11.67
C SER F 46 -53.20 -38.23 10.47
N GLN F 47 -53.76 -38.39 9.27
CA GLN F 47 -52.99 -38.28 8.04
C GLN F 47 -52.78 -36.81 7.69
N GLY F 48 -53.70 -35.96 8.13
CA GLY F 48 -53.64 -34.55 7.83
C GLY F 48 -52.29 -33.92 8.10
N GLU F 49 -51.63 -34.36 9.16
CA GLU F 49 -50.35 -33.80 9.56
C GLU F 49 -49.20 -34.39 8.74
N MET F 50 -49.39 -35.61 8.25
CA MET F 50 -48.42 -36.27 7.40
C MET F 50 -48.37 -35.57 6.04
N ILE F 51 -49.47 -34.92 5.68
CA ILE F 51 -49.55 -34.18 4.42
C ILE F 51 -48.82 -32.86 4.55
N ASP F 52 -48.93 -32.23 5.71
CA ASP F 52 -48.31 -30.94 5.96
C ASP F 52 -46.79 -30.98 5.81
N ARG F 53 -46.17 -32.05 6.32
CA ARG F 53 -44.73 -32.24 6.16
C ARG F 53 -44.39 -32.47 4.69
N ILE F 54 -45.22 -33.22 3.99
CA ILE F 54 -45.03 -33.43 2.56
C ILE F 54 -45.10 -32.10 1.85
N GLU F 55 -46.08 -31.27 2.22
CA GLU F 55 -46.23 -29.97 1.62
C GLU F 55 -45.02 -29.12 1.93
N TYR F 56 -44.68 -29.06 3.22
CA TYR F 56 -43.54 -28.29 3.70
C TYR F 56 -42.26 -28.59 2.93
N ASN F 57 -41.81 -29.84 3.02
CA ASN F 57 -40.61 -30.27 2.32
C ASN F 57 -40.64 -30.00 0.82
N VAL F 58 -41.78 -30.26 0.17
CA VAL F 58 -41.87 -29.97 -1.25
C VAL F 58 -41.79 -28.47 -1.46
N GLU F 59 -42.48 -27.73 -0.59
CA GLU F 59 -42.46 -26.28 -0.58
C GLU F 59 -41.03 -25.74 -0.57
N HIS F 60 -40.18 -26.36 0.25
CA HIS F 60 -38.77 -26.00 0.32
C HIS F 60 -38.05 -26.47 -0.93
N ALA F 61 -38.10 -27.79 -1.16
CA ALA F 61 -37.48 -28.40 -2.33
C ALA F 61 -37.67 -27.58 -3.61
N VAL F 62 -38.84 -26.97 -3.75
CA VAL F 62 -39.11 -26.11 -4.89
C VAL F 62 -38.28 -24.84 -4.78
N ASP F 63 -38.31 -24.24 -3.59
CA ASP F 63 -37.54 -23.04 -3.28
C ASP F 63 -36.05 -23.21 -3.60
N TYR F 64 -35.44 -24.24 -3.02
CA TYR F 64 -34.03 -24.52 -3.27
C TYR F 64 -33.74 -24.60 -4.75
N VAL F 65 -34.36 -25.55 -5.43
CA VAL F 65 -34.16 -25.75 -6.86
C VAL F 65 -34.30 -24.44 -7.62
N GLU F 66 -35.19 -23.57 -7.15
CA GLU F 66 -35.44 -22.29 -7.81
C GLU F 66 -34.22 -21.40 -7.71
N ARG F 67 -33.61 -21.37 -6.52
CA ARG F 67 -32.38 -20.62 -6.33
C ARG F 67 -31.26 -21.27 -7.14
N ALA F 68 -30.98 -22.53 -6.84
CA ALA F 68 -29.97 -23.31 -7.54
C ALA F 68 -29.98 -23.03 -9.04
N VAL F 69 -31.16 -23.04 -9.64
CA VAL F 69 -31.28 -22.82 -11.08
C VAL F 69 -30.79 -21.41 -11.48
N SER F 70 -31.12 -20.41 -10.68
CA SER F 70 -30.75 -19.03 -11.00
C SER F 70 -29.23 -18.90 -11.04
N ASP F 71 -28.57 -19.50 -10.06
CA ASP F 71 -27.13 -19.47 -9.92
C ASP F 71 -26.44 -20.04 -11.15
N THR F 72 -26.87 -21.21 -11.57
CA THR F 72 -26.32 -21.85 -12.76
C THR F 72 -26.49 -20.94 -13.98
N LYS F 73 -27.57 -20.17 -14.01
CA LYS F 73 -27.81 -19.22 -15.10
C LYS F 73 -26.74 -18.14 -15.08
N LYS F 74 -26.40 -17.66 -13.89
CA LYS F 74 -25.34 -16.68 -13.70
C LYS F 74 -23.98 -17.30 -14.04
N ALA F 75 -23.68 -18.43 -13.40
CA ALA F 75 -22.47 -19.17 -13.69
C ALA F 75 -22.13 -19.18 -15.18
N VAL F 76 -23.09 -19.54 -16.01
CA VAL F 76 -22.86 -19.59 -17.45
C VAL F 76 -22.62 -18.19 -17.99
N LYS F 77 -23.26 -17.21 -17.34
CA LYS F 77 -23.13 -15.81 -17.71
C LYS F 77 -21.70 -15.33 -17.51
N TYR F 78 -21.19 -15.55 -16.29
CA TYR F 78 -19.83 -15.15 -15.97
C TYR F 78 -18.82 -15.93 -16.79
N GLN F 79 -19.00 -17.24 -16.90
CA GLN F 79 -18.15 -18.06 -17.75
C GLN F 79 -18.07 -17.45 -19.15
N SER F 80 -19.21 -17.07 -19.71
CA SER F 80 -19.24 -16.48 -21.05
C SER F 80 -18.61 -15.10 -21.04
N LYS F 81 -18.59 -14.46 -19.88
CA LYS F 81 -17.91 -13.18 -19.70
C LYS F 81 -16.41 -13.36 -19.71
N ALA F 82 -15.95 -14.30 -18.88
CA ALA F 82 -14.54 -14.60 -18.76
C ALA F 82 -13.94 -15.11 -20.08
N ARG F 83 -14.70 -15.90 -20.83
CA ARG F 83 -14.27 -16.40 -22.12
C ARG F 83 -13.95 -15.29 -23.12
N ARG F 84 -14.73 -14.21 -23.08
CA ARG F 84 -14.45 -13.06 -23.95
C ARG F 84 -13.10 -12.47 -23.57
N LYS F 85 -12.94 -12.24 -22.27
CA LYS F 85 -11.74 -11.64 -21.73
C LYS F 85 -10.49 -12.47 -22.04
N LYS F 86 -10.62 -13.79 -21.94
CA LYS F 86 -9.53 -14.72 -22.23
C LYS F 86 -9.05 -14.56 -23.67
N ILE F 87 -9.95 -14.16 -24.54
CA ILE F 87 -9.61 -13.96 -25.94
C ILE F 87 -8.88 -12.65 -26.12
N MET F 88 -9.50 -11.58 -25.61
CA MET F 88 -8.89 -10.27 -25.65
C MET F 88 -7.48 -10.37 -25.10
N ILE F 89 -7.34 -11.06 -23.98
CA ILE F 89 -6.04 -11.26 -23.33
C ILE F 89 -4.98 -11.80 -24.29
N ILE F 90 -5.40 -12.72 -25.16
CA ILE F 90 -4.49 -13.34 -26.11
C ILE F 90 -4.22 -12.45 -27.32
N ILE F 91 -5.25 -11.72 -27.74
CA ILE F 91 -5.09 -10.75 -28.82
C ILE F 91 -4.06 -9.71 -28.41
N CYS F 92 -4.12 -9.32 -27.14
CA CYS F 92 -3.12 -8.42 -26.58
C CYS F 92 -1.73 -9.06 -26.58
N CYS F 93 -1.64 -10.30 -26.12
CA CYS F 93 -0.37 -11.01 -26.09
C CYS F 93 0.21 -11.15 -27.49
N VAL F 94 -0.65 -11.42 -28.46
CA VAL F 94 -0.26 -11.43 -29.84
C VAL F 94 0.34 -10.08 -30.21
N ILE F 95 -0.37 -9.01 -29.84
CA ILE F 95 0.10 -7.64 -30.05
C ILE F 95 1.44 -7.36 -29.37
N LEU F 96 1.59 -7.85 -28.14
CA LEU F 96 2.83 -7.64 -27.39
C LEU F 96 4.00 -8.38 -28.03
N GLY F 97 3.74 -9.59 -28.52
CA GLY F 97 4.75 -10.35 -29.21
C GLY F 97 5.21 -9.64 -30.48
N ILE F 98 4.26 -9.06 -31.19
CA ILE F 98 4.54 -8.25 -32.38
C ILE F 98 5.39 -7.05 -32.01
N ILE F 99 5.07 -6.46 -30.86
CA ILE F 99 5.84 -5.35 -30.32
C ILE F 99 7.26 -5.81 -29.94
N ILE F 100 7.35 -6.88 -29.16
CA ILE F 100 8.63 -7.46 -28.78
C ILE F 100 9.46 -7.86 -30.00
N ALA F 101 8.80 -8.42 -31.00
CA ALA F 101 9.47 -8.85 -32.22
C ALA F 101 9.96 -7.65 -33.02
N SER F 102 9.21 -6.55 -32.97
CA SER F 102 9.53 -5.35 -33.73
C SER F 102 10.77 -4.62 -33.20
N THR F 103 11.13 -4.88 -31.94
CA THR F 103 12.34 -4.28 -31.38
C THR F 103 13.56 -5.16 -31.63
N ILE F 104 13.46 -6.45 -31.29
CA ILE F 104 14.53 -7.39 -31.59
C ILE F 104 14.71 -7.52 -33.10
N GLY F 105 13.62 -7.30 -33.83
CA GLY F 105 13.65 -7.28 -35.28
C GLY F 105 14.08 -5.93 -35.82
N GLY F 106 14.58 -5.10 -34.91
CA GLY F 106 15.16 -3.81 -35.27
C GLY F 106 16.54 -3.68 -34.64
N ILE F 107 17.37 -4.69 -34.84
CA ILE F 107 18.72 -4.75 -34.27
C ILE F 107 18.68 -4.78 -32.74
N MET G 4 -97.21 -64.27 41.17
CA MET G 4 -97.57 -64.13 39.78
C MET G 4 -99.06 -64.40 39.56
N ARG G 5 -99.85 -64.13 40.58
CA ARG G 5 -101.30 -64.35 40.52
C ARG G 5 -101.99 -63.18 39.83
N ASN G 6 -101.29 -62.05 39.77
CA ASN G 6 -101.71 -60.90 38.98
C ASN G 6 -101.45 -61.21 37.52
N GLU G 7 -101.31 -62.50 37.22
CA GLU G 7 -101.01 -63.02 35.89
C GLU G 7 -100.83 -61.97 34.79
N LEU G 8 -101.93 -61.32 34.40
CA LEU G 8 -101.92 -60.36 33.31
C LEU G 8 -101.28 -59.02 33.69
N GLU G 9 -101.43 -58.62 34.95
CA GLU G 9 -100.82 -57.39 35.44
C GLU G 9 -99.30 -57.45 35.36
N GLU G 10 -98.74 -58.60 35.74
CA GLU G 10 -97.30 -58.79 35.74
C GLU G 10 -96.82 -59.12 34.33
N MET G 11 -97.78 -59.37 33.45
CA MET G 11 -97.50 -59.64 32.05
C MET G 11 -97.63 -58.33 31.27
N GLN G 12 -98.43 -57.42 31.80
CA GLN G 12 -98.67 -56.12 31.18
C GLN G 12 -97.87 -55.02 31.87
N ARG G 13 -97.13 -55.40 32.90
CA ARG G 13 -96.15 -54.49 33.50
C ARG G 13 -94.85 -54.59 32.72
N ARG G 14 -94.45 -55.82 32.40
CA ARG G 14 -93.24 -56.07 31.64
C ARG G 14 -93.44 -55.75 30.17
N ALA G 15 -94.63 -55.23 29.85
CA ALA G 15 -94.94 -54.81 28.49
C ALA G 15 -94.77 -53.30 28.39
N ASP G 16 -95.20 -52.58 29.42
CA ASP G 16 -95.00 -51.14 29.47
C ASP G 16 -93.52 -50.84 29.73
N GLN G 17 -92.80 -51.89 30.14
CA GLN G 17 -91.36 -51.78 30.34
C GLN G 17 -90.66 -51.72 29.01
N LEU G 18 -90.85 -52.76 28.20
CA LEU G 18 -90.29 -52.79 26.85
C LEU G 18 -90.70 -51.53 26.08
N ALA G 19 -91.80 -50.92 26.54
CA ALA G 19 -92.32 -49.71 25.91
C ALA G 19 -91.31 -48.59 25.97
N ASP G 20 -90.87 -48.28 27.18
CA ASP G 20 -89.90 -47.20 27.41
C ASP G 20 -88.55 -47.57 26.84
N GLU G 21 -88.11 -48.80 27.11
CA GLU G 21 -86.79 -49.26 26.67
C GLU G 21 -86.58 -49.06 25.17
N SER G 22 -87.64 -49.21 24.40
CA SER G 22 -87.56 -49.04 22.95
C SER G 22 -87.50 -47.56 22.56
N LEU G 23 -88.31 -46.74 23.22
CA LEU G 23 -88.32 -45.32 22.94
C LEU G 23 -87.04 -44.69 23.46
N GLU G 24 -86.38 -45.37 24.39
CA GLU G 24 -85.11 -44.91 24.91
C GLU G 24 -84.00 -45.21 23.89
N SER G 25 -83.97 -46.43 23.39
CA SER G 25 -82.98 -46.81 22.39
C SER G 25 -83.26 -46.14 21.06
N THR G 26 -84.42 -45.50 20.94
CA THR G 26 -84.75 -44.75 19.74
C THR G 26 -84.20 -43.34 19.88
N ARG G 27 -84.18 -42.85 21.12
CA ARG G 27 -83.56 -41.58 21.45
C ARG G 27 -82.08 -41.72 21.21
N ARG G 28 -81.52 -42.82 21.70
CA ARG G 28 -80.09 -43.09 21.58
C ARG G 28 -79.68 -43.20 20.11
N MET G 29 -80.41 -44.02 19.35
CA MET G 29 -80.17 -44.13 17.92
C MET G 29 -80.04 -42.75 17.30
N LEU G 30 -81.06 -41.94 17.52
CA LEU G 30 -81.14 -40.59 16.96
C LEU G 30 -79.85 -39.78 17.17
N GLN G 31 -79.23 -39.97 18.33
CA GLN G 31 -78.00 -39.25 18.65
C GLN G 31 -76.78 -39.83 17.94
N LEU G 32 -76.61 -41.15 18.05
CA LEU G 32 -75.48 -41.83 17.41
C LEU G 32 -75.44 -41.54 15.92
N VAL G 33 -76.62 -41.36 15.33
CA VAL G 33 -76.72 -41.05 13.92
C VAL G 33 -76.34 -39.60 13.65
N GLU G 34 -76.86 -38.69 14.46
CA GLU G 34 -76.52 -37.27 14.37
C GLU G 34 -75.01 -37.06 14.41
N GLU G 35 -74.36 -37.68 15.39
CA GLU G 35 -72.91 -37.58 15.54
C GLU G 35 -72.21 -38.09 14.30
N SER G 36 -72.69 -39.20 13.75
CA SER G 36 -72.09 -39.78 12.55
C SER G 36 -72.12 -38.79 11.39
N LYS G 37 -73.16 -37.97 11.33
CA LYS G 37 -73.28 -36.96 10.28
C LYS G 37 -72.23 -35.85 10.48
N ASP G 38 -72.11 -35.37 11.71
CA ASP G 38 -71.13 -34.34 12.04
C ASP G 38 -69.72 -34.81 11.72
N ALA G 39 -69.30 -35.91 12.36
CA ALA G 39 -67.99 -36.49 12.12
C ALA G 39 -67.80 -36.79 10.65
N GLY G 40 -68.90 -37.09 9.97
CA GLY G 40 -68.86 -37.37 8.55
C GLY G 40 -68.56 -36.12 7.75
N ILE G 41 -69.22 -35.02 8.11
CA ILE G 41 -68.98 -33.73 7.47
C ILE G 41 -67.55 -33.27 7.74
N ARG G 42 -67.10 -33.42 8.97
CA ARG G 42 -65.73 -33.05 9.33
C ARG G 42 -64.74 -33.80 8.45
N THR G 43 -64.95 -35.10 8.29
CA THR G 43 -64.09 -35.92 7.44
C THR G 43 -64.06 -35.37 6.02
N LEU G 44 -65.19 -34.88 5.55
CA LEU G 44 -65.31 -34.40 4.18
C LEU G 44 -64.56 -33.09 3.98
N VAL G 45 -64.79 -32.14 4.88
CA VAL G 45 -64.16 -30.84 4.79
C VAL G 45 -62.64 -30.95 4.94
N MET G 46 -62.19 -31.88 5.78
CA MET G 46 -60.77 -32.13 5.91
C MET G 46 -60.19 -32.57 4.58
N LEU G 47 -60.78 -33.59 3.97
CA LEU G 47 -60.32 -34.07 2.67
C LEU G 47 -60.32 -32.92 1.67
N ASP G 48 -61.25 -31.99 1.86
CA ASP G 48 -61.41 -30.86 0.94
C ASP G 48 -60.25 -29.88 1.08
N GLU G 49 -59.73 -29.75 2.29
CA GLU G 49 -58.59 -28.88 2.54
C GLU G 49 -57.29 -29.56 2.14
N GLN G 50 -57.11 -30.79 2.61
CA GLN G 50 -55.95 -31.60 2.22
C GLN G 50 -55.95 -31.86 0.73
N GLY G 51 -57.12 -31.73 0.11
CA GLY G 51 -57.25 -31.92 -1.32
C GLY G 51 -56.57 -30.79 -2.08
N GLU G 52 -56.49 -29.64 -1.42
CA GLU G 52 -55.83 -28.46 -1.99
C GLU G 52 -54.34 -28.50 -1.70
N GLN G 53 -54.01 -28.95 -0.50
CA GLN G 53 -52.61 -29.11 -0.11
C GLN G 53 -51.88 -29.97 -1.13
N LEU G 54 -52.51 -31.06 -1.54
CA LEU G 54 -51.97 -31.91 -2.57
C LEU G 54 -51.96 -31.18 -3.91
N ASP G 55 -52.97 -30.34 -4.14
CA ASP G 55 -53.03 -29.54 -5.36
C ASP G 55 -51.80 -28.66 -5.45
N ARG G 56 -51.45 -28.04 -4.33
CA ARG G 56 -50.24 -27.23 -4.25
C ARG G 56 -49.00 -28.09 -4.46
N VAL G 57 -48.82 -29.08 -3.58
CA VAL G 57 -47.72 -30.03 -3.69
C VAL G 57 -47.49 -30.47 -5.13
N GLU G 58 -48.57 -30.73 -5.86
CA GLU G 58 -48.44 -31.15 -7.25
C GLU G 58 -47.84 -30.03 -8.09
N GLU G 59 -48.35 -28.82 -7.91
CA GLU G 59 -47.80 -27.65 -8.59
C GLU G 59 -46.30 -27.59 -8.34
N GLY G 60 -45.91 -27.89 -7.10
CA GLY G 60 -44.51 -27.95 -6.73
C GLY G 60 -43.71 -28.75 -7.72
N MET G 61 -43.97 -30.06 -7.79
CA MET G 61 -43.21 -30.93 -8.68
C MET G 61 -43.10 -30.33 -10.08
N ASN G 62 -44.19 -29.73 -10.54
CA ASN G 62 -44.23 -29.10 -11.85
C ASN G 62 -43.25 -27.94 -11.98
N HIS G 63 -43.30 -27.04 -11.01
CA HIS G 63 -42.37 -25.92 -10.98
C HIS G 63 -40.94 -26.46 -11.04
N ILE G 64 -40.63 -27.33 -10.08
CA ILE G 64 -39.32 -27.98 -9.98
C ILE G 64 -38.91 -28.61 -11.31
N ASN G 65 -39.76 -29.46 -11.85
CA ASN G 65 -39.47 -30.12 -13.12
C ASN G 65 -38.98 -29.12 -14.17
N GLN G 66 -39.73 -28.03 -14.32
CA GLN G 66 -39.41 -26.99 -15.29
C GLN G 66 -38.06 -26.32 -14.98
N ASP G 67 -37.82 -26.07 -13.70
CA ASP G 67 -36.57 -25.44 -13.26
C ASP G 67 -35.37 -26.37 -13.44
N MET G 68 -35.53 -27.63 -13.05
CA MET G 68 -34.48 -28.62 -13.22
C MET G 68 -34.15 -28.82 -14.70
N LYS G 69 -35.15 -28.60 -15.54
CA LYS G 69 -34.97 -28.65 -16.99
C LYS G 69 -34.16 -27.44 -17.45
N GLU G 70 -34.40 -26.30 -16.83
CA GLU G 70 -33.61 -25.11 -17.13
C GLU G 70 -32.17 -25.29 -16.65
N ALA G 71 -32.01 -25.67 -15.38
CA ALA G 71 -30.69 -25.88 -14.79
C ALA G 71 -29.87 -26.91 -15.58
N GLU G 72 -30.58 -27.78 -16.29
CA GLU G 72 -29.96 -28.76 -17.16
C GLU G 72 -29.30 -28.06 -18.35
N LYS G 73 -30.08 -27.27 -19.06
CA LYS G 73 -29.59 -26.45 -20.16
C LYS G 73 -28.31 -25.71 -19.75
N ASN G 74 -28.33 -25.16 -18.54
CA ASN G 74 -27.27 -24.31 -18.05
C ASN G 74 -26.00 -25.09 -17.68
N LEU G 75 -26.18 -26.29 -17.10
CA LEU G 75 -25.03 -27.11 -16.75
C LEU G 75 -24.34 -27.65 -18.00
N LYS G 76 -25.08 -27.64 -19.12
CA LYS G 76 -24.48 -27.97 -20.40
C LYS G 76 -23.53 -26.85 -20.83
N ASP G 77 -24.01 -25.62 -20.73
CA ASP G 77 -23.21 -24.44 -21.08
C ASP G 77 -22.03 -24.29 -20.13
N LEU G 78 -21.89 -25.25 -19.22
CA LEU G 78 -20.74 -25.29 -18.31
C LEU G 78 -19.79 -26.44 -18.64
N GLY G 79 -19.87 -26.93 -19.88
CA GLY G 79 -18.99 -28.00 -20.33
C GLY G 79 -19.45 -29.38 -19.89
N HIS H 3 -98.82 -44.38 26.89
CA HIS H 3 -97.92 -45.26 26.16
C HIS H 3 -98.33 -45.44 24.70
N MET H 4 -99.49 -44.94 24.35
CA MET H 4 -99.93 -45.01 22.95
C MET H 4 -99.17 -43.94 22.18
N ALA H 5 -98.79 -42.89 22.91
CA ALA H 5 -97.99 -41.81 22.34
C ALA H 5 -96.51 -42.15 22.44
N ARG H 6 -96.16 -42.93 23.45
CA ARG H 6 -94.81 -43.45 23.56
C ARG H 6 -94.44 -44.21 22.29
N GLU H 7 -95.34 -45.07 21.83
CA GLU H 7 -95.14 -45.75 20.56
C GLU H 7 -95.15 -44.71 19.44
N ASN H 8 -96.14 -43.83 19.49
CA ASN H 8 -96.33 -42.81 18.46
C ASN H 8 -95.11 -41.90 18.34
N GLU H 9 -94.42 -41.71 19.46
CA GLU H 9 -93.23 -40.89 19.49
C GLU H 9 -92.03 -41.67 18.99
N MET H 10 -91.80 -42.85 19.58
CA MET H 10 -90.67 -43.70 19.23
C MET H 10 -90.68 -44.17 17.77
N ASP H 11 -91.73 -43.80 17.04
CA ASP H 11 -91.76 -44.07 15.61
C ASP H 11 -91.48 -42.76 14.91
N GLU H 12 -91.98 -41.68 15.49
CA GLU H 12 -91.86 -40.36 14.92
C GLU H 12 -90.39 -39.96 14.75
N ASN H 13 -89.54 -40.40 15.67
CA ASN H 13 -88.11 -40.09 15.59
C ASN H 13 -87.32 -41.26 14.99
N LEU H 14 -87.86 -42.46 15.07
CA LEU H 14 -87.31 -43.60 14.35
C LEU H 14 -87.50 -43.35 12.87
N GLU H 15 -88.39 -42.41 12.56
CA GLU H 15 -88.59 -41.93 11.20
C GLU H 15 -87.36 -41.12 10.79
N GLN H 16 -86.97 -40.21 11.66
CA GLN H 16 -85.75 -39.41 11.49
C GLN H 16 -84.56 -40.31 11.30
N VAL H 17 -84.36 -41.23 12.24
CA VAL H 17 -83.25 -42.16 12.16
C VAL H 17 -83.01 -42.60 10.72
N SER H 18 -84.09 -43.03 10.06
CA SER H 18 -83.99 -43.43 8.66
C SER H 18 -83.49 -42.28 7.78
N GLY H 19 -84.28 -41.20 7.73
CA GLY H 19 -83.92 -40.04 6.95
C GLY H 19 -82.45 -39.71 7.03
N ILE H 20 -81.95 -39.55 8.25
CA ILE H 20 -80.55 -39.15 8.45
C ILE H 20 -79.58 -40.18 7.90
N ILE H 21 -79.93 -41.46 8.01
CA ILE H 21 -79.11 -42.53 7.45
C ILE H 21 -79.04 -42.37 5.94
N GLY H 22 -80.11 -41.86 5.35
CA GLY H 22 -80.12 -41.54 3.94
C GLY H 22 -79.03 -40.54 3.62
N ASN H 23 -78.84 -39.58 4.52
CA ASN H 23 -77.76 -38.62 4.40
C ASN H 23 -76.41 -39.32 4.46
N LEU H 24 -76.25 -40.20 5.44
CA LEU H 24 -74.99 -40.94 5.61
C LEU H 24 -74.59 -41.71 4.37
N ARG H 25 -75.53 -42.39 3.75
CA ARG H 25 -75.26 -43.07 2.50
C ARG H 25 -74.68 -42.06 1.51
N HIS H 26 -75.40 -40.96 1.34
CA HIS H 26 -75.00 -39.92 0.40
C HIS H 26 -73.55 -39.54 0.63
N MET H 27 -73.22 -39.17 1.87
CA MET H 27 -71.88 -38.75 2.25
C MET H 27 -70.82 -39.79 1.92
N ALA H 28 -71.00 -41.00 2.45
CA ALA H 28 -70.04 -42.08 2.23
C ALA H 28 -69.72 -42.30 0.75
N LEU H 29 -70.67 -41.94 -0.12
CA LEU H 29 -70.46 -42.04 -1.56
C LEU H 29 -69.48 -40.99 -2.05
N ASP H 30 -69.68 -39.75 -1.61
CA ASP H 30 -68.79 -38.65 -1.92
C ASP H 30 -67.45 -38.87 -1.24
N MET H 31 -67.52 -39.16 0.06
CA MET H 31 -66.34 -39.49 0.85
C MET H 31 -65.48 -40.52 0.13
N GLY H 32 -66.14 -41.44 -0.57
CA GLY H 32 -65.44 -42.44 -1.35
C GLY H 32 -64.88 -41.90 -2.66
N ASN H 33 -65.74 -41.28 -3.46
CA ASN H 33 -65.34 -40.75 -4.76
C ASN H 33 -64.23 -39.71 -4.65
N GLU H 34 -64.13 -39.08 -3.47
CA GLU H 34 -63.09 -38.08 -3.23
C GLU H 34 -61.75 -38.77 -2.99
N ILE H 35 -61.72 -39.68 -2.03
CA ILE H 35 -60.54 -40.48 -1.75
C ILE H 35 -60.07 -41.24 -3.00
N ASP H 36 -61.02 -41.65 -3.84
CA ASP H 36 -60.69 -42.31 -5.10
C ASP H 36 -59.90 -41.36 -6.01
N THR H 37 -60.10 -40.05 -5.80
CA THR H 37 -59.42 -39.03 -6.59
C THR H 37 -58.10 -38.60 -5.94
N GLN H 38 -58.08 -38.55 -4.61
CA GLN H 38 -56.89 -38.14 -3.88
C GLN H 38 -55.85 -39.26 -3.85
N ASN H 39 -56.28 -40.50 -3.96
CA ASN H 39 -55.35 -41.61 -4.13
C ASN H 39 -54.84 -41.64 -5.57
N ARG H 40 -55.63 -41.05 -6.46
CA ARG H 40 -55.25 -40.90 -7.86
C ARG H 40 -54.13 -39.86 -7.95
N GLN H 41 -54.27 -38.80 -7.17
CA GLN H 41 -53.35 -37.68 -7.15
C GLN H 41 -51.98 -38.08 -6.61
N ILE H 42 -51.95 -38.66 -5.42
CA ILE H 42 -50.71 -39.07 -4.79
C ILE H 42 -49.93 -40.07 -5.63
N ASP H 43 -50.64 -40.99 -6.26
CA ASP H 43 -49.99 -41.95 -7.16
C ASP H 43 -49.27 -41.23 -8.29
N ARG H 44 -49.83 -40.09 -8.69
CA ARG H 44 -49.24 -39.25 -9.73
C ARG H 44 -48.10 -38.40 -9.18
N ILE H 45 -48.36 -37.75 -8.07
CA ILE H 45 -47.38 -36.91 -7.39
C ILE H 45 -46.10 -37.68 -7.08
N MET H 46 -46.25 -38.96 -6.72
CA MET H 46 -45.08 -39.80 -6.43
C MET H 46 -44.29 -40.19 -7.67
N GLU H 47 -44.84 -39.94 -8.85
CA GLU H 47 -44.13 -40.18 -10.11
C GLU H 47 -43.33 -38.95 -10.52
N LYS H 48 -43.97 -37.79 -10.49
CA LYS H 48 -43.29 -36.52 -10.74
C LYS H 48 -42.20 -36.33 -9.71
N ALA H 49 -42.47 -36.77 -8.49
CA ALA H 49 -41.51 -36.67 -7.39
C ALA H 49 -40.37 -37.66 -7.55
N ASP H 50 -40.59 -38.66 -8.41
CA ASP H 50 -39.56 -39.64 -8.70
C ASP H 50 -38.65 -39.11 -9.82
N SER H 51 -39.28 -38.53 -10.84
CA SER H 51 -38.54 -37.92 -11.95
C SER H 51 -37.75 -36.72 -11.45
N ASN H 52 -38.19 -36.16 -10.33
CA ASN H 52 -37.52 -34.99 -9.76
C ASN H 52 -36.43 -35.35 -8.76
N LYS H 53 -36.44 -36.60 -8.30
CA LYS H 53 -35.35 -37.10 -7.49
C LYS H 53 -34.23 -37.54 -8.43
N THR H 54 -34.62 -38.14 -9.55
CA THR H 54 -33.68 -38.55 -10.58
C THR H 54 -33.08 -37.34 -11.26
N ARG H 55 -33.89 -36.29 -11.40
CA ARG H 55 -33.48 -35.04 -12.03
C ARG H 55 -32.42 -34.35 -11.19
N ILE H 56 -32.56 -34.48 -9.87
CA ILE H 56 -31.67 -33.81 -8.93
C ILE H 56 -30.45 -34.66 -8.58
N ASP H 57 -30.66 -35.96 -8.42
CA ASP H 57 -29.54 -36.87 -8.19
C ASP H 57 -28.56 -36.82 -9.35
N GLU H 58 -29.08 -36.62 -10.55
CA GLU H 58 -28.26 -36.53 -11.76
C GLU H 58 -27.48 -35.22 -11.83
N ALA H 59 -28.18 -34.11 -11.65
CA ALA H 59 -27.57 -32.79 -11.72
C ALA H 59 -26.61 -32.55 -10.56
N ASN H 60 -26.91 -33.13 -9.41
CA ASN H 60 -26.09 -32.93 -8.22
C ASN H 60 -24.73 -33.63 -8.32
N GLN H 61 -24.61 -34.57 -9.25
CA GLN H 61 -23.35 -35.26 -9.48
C GLN H 61 -22.53 -34.65 -10.61
N ARG H 62 -23.16 -33.81 -11.41
CA ARG H 62 -22.46 -33.13 -12.49
C ARG H 62 -21.73 -31.89 -11.97
N ALA H 63 -22.08 -31.45 -10.77
CA ALA H 63 -21.40 -30.33 -10.13
C ALA H 63 -20.02 -30.78 -9.66
N THR H 64 -19.94 -32.05 -9.25
CA THR H 64 -18.70 -32.63 -8.76
C THR H 64 -17.68 -32.82 -9.88
N1 GGG I . 23.84 12.13 -1.50
CA1 GGG I . 22.95 13.28 -1.52
C1 GGG I . 23.76 14.56 -1.45
O1 GGG I . 24.98 14.51 -1.55
N2 GGG I . 23.11 15.70 -1.28
CA2 GGG I . 21.67 15.78 -1.18
C2 GGG I . 21.26 17.24 -1.03
O2 GGG I . 21.56 17.88 -0.02
N3 GGG I . 20.58 17.78 -2.05
CA3 GGG I . 20.17 19.17 -2.05
C3 GGG I . 18.96 19.44 -2.92
O3 GGG I . 18.16 18.53 -3.19
O GGG I . 18.72 20.56 -3.37
N1 GGG J . 17.77 7.31 -5.20
CA1 GGG J . 17.67 6.77 -3.86
C1 GGG J . 16.24 6.70 -3.34
O1 GGG J . 15.71 5.63 -3.06
N2 GGG J . 15.60 7.86 -3.22
CA2 GGG J . 16.24 9.12 -3.56
C2 GGG J . 16.52 9.95 -2.32
O2 GGG J . 15.71 9.97 -1.38
N3 GGG J . 17.66 10.63 -2.32
CA3 GGG J . 18.07 11.46 -1.21
C3 GGG J . 19.34 11.00 -0.51
O3 GGG J . 20.09 10.14 -1.01
O GGG J . 19.66 11.45 0.59
S SO4 K . 55.15 53.59 15.07
O1 SO4 K . 54.48 52.73 14.10
O2 SO4 K . 56.12 54.43 14.38
O3 SO4 K . 55.84 52.77 16.06
O4 SO4 K . 54.15 54.43 15.73
S SO4 L . 50.88 16.82 -11.03
O1 SO4 L . 51.12 16.99 -12.46
O2 SO4 L . 49.44 16.73 -10.78
O3 SO4 L . 51.52 15.60 -10.56
O4 SO4 L . 51.41 17.97 -10.31
N1 GGG M . -12.68 -23.98 -13.81
CA1 GGG M . -12.57 -25.35 -14.30
C1 GGG M . -12.79 -25.44 -15.80
O1 GGG M . -12.24 -26.33 -16.46
N2 GGG M . -13.61 -24.53 -16.34
CA2 GGG M . -13.91 -24.52 -17.76
C2 GGG M . -13.87 -23.12 -18.36
O2 GGG M . -14.60 -22.24 -17.94
N3 GGG M . -13.01 -22.95 -19.36
CA3 GGG M . -12.87 -21.67 -20.01
C3 GGG M . -12.08 -21.76 -21.31
O3 GGG M . -11.93 -20.79 -22.04
O GGG M . -11.57 -22.82 -21.66
S SO4 N . -25.23 -11.85 -7.89
O1 SO4 N . -25.71 -12.85 -6.94
O2 SO4 N . -25.90 -12.01 -9.18
O3 SO4 N . -25.49 -10.51 -7.37
O4 SO4 N . -23.79 -12.01 -8.08
S SO4 O . -95.67 -54.99 13.53
O1 SO4 O . -95.50 -55.23 12.10
O2 SO4 O . -95.20 -56.16 14.28
O3 SO4 O . -97.08 -54.76 13.81
O4 SO4 O . -94.89 -53.82 13.93
S SO4 P . -23.24 -6.94 -16.31
O1 SO4 P . -23.95 -7.86 -17.20
O2 SO4 P . -23.82 -5.61 -16.43
O3 SO4 P . -23.34 -7.40 -14.93
O4 SO4 P . -21.83 -6.88 -16.70
S SO4 Q . -23.54 -10.98 -20.78
O1 SO4 Q . -22.21 -10.96 -20.20
O2 SO4 Q . -23.89 -12.35 -21.16
O3 SO4 Q . -24.50 -10.48 -19.79
O4 SO4 Q . -23.57 -10.13 -21.96
S SO4 R . -18.65 -7.68 -19.83
O1 SO4 R . -17.28 -8.13 -20.03
O2 SO4 R . -18.86 -7.34 -18.42
O3 SO4 R . -19.56 -8.76 -20.22
O4 SO4 R . -18.91 -6.49 -20.65
S SO4 S . -39.47 -35.94 -17.24
O1 SO4 S . -38.54 -37.06 -17.38
O2 SO4 S . -40.73 -36.43 -16.69
O3 SO4 S . -38.91 -34.95 -16.34
O4 SO4 S . -39.72 -35.34 -18.55
#